data_7E6Q
#
_entry.id   7E6Q
#
_cell.length_a   109.064
_cell.length_b   109.064
_cell.length_c   71.149
_cell.angle_alpha   90.000
_cell.angle_beta   90.000
_cell.angle_gamma   90.000
#
_symmetry.space_group_name_H-M   'P 4'
#
loop_
_entity.id
_entity.type
_entity.pdbx_description
1 polymer Neuraminidase
2 non-polymer 'CALCIUM ION'
3 non-polymer 2-acetamido-2-deoxy-beta-D-glucopyranose
4 non-polymer '(3R,4R,5S)-4-acetamido-3-pentan-3-yloxy-5-(4-phenyl-1,2,3-triazol-1-yl)cyclohexene-1-carboxylic acid'
5 water water
#
_entity_poly.entity_id   1
_entity_poly.type   'polypeptide(L)'
_entity_poly.pdbx_seq_one_letter_code
;PEFLNNTEPLCNVSGFAIVSKDNGIRIGSRGHVFVIREPFVACGPTECRTFFLTQGALLNDKHSNNTVKDRSPYRALMSV
PLGSSPNAYQAKFESVAWSATACHDGKKWLAVGISGADDDAYAVIHYGGMPTDVVRSWRKQILRTQESSCVCMNGNCYWV
MTDGPANSQASYKIFKSHEGMVTNEREVSFQGGHIEECSCYPNLGKVECVCRDNWNGMNRPILIFDEDLDYEVGYLCAGI
PTDTPRVQDSSFTGSCTNAVGGSGTNNYGVKGFGFRQGNSVWAGRTVSISSRSGFEILLIEDGWIRTSKTIVKKVEVLNN
KNWSGYSGAFTIPITMTSKQCLVPCFWLEMIRGKPEERTSIWTSSSSTVFCGVSSEVPGWSWDDGAILPFDIDKM
;
_entity_poly.pdbx_strand_id   A,B
#
loop_
_chem_comp.id
_chem_comp.type
_chem_comp.name
_chem_comp.formula
CA non-polymer 'CALCIUM ION' 'Ca 2'
HZF non-polymer '(3R,4R,5S)-4-acetamido-3-pentan-3-yloxy-5-(4-phenyl-1,2,3-triazol-1-yl)cyclohexene-1-carboxylic acid' 'C22 H28 N4 O4'
NAG D-saccharide, beta linking 2-acetamido-2-deoxy-beta-D-glucopyranose 'C8 H15 N O6'
#
# COMPACT_ATOMS: atom_id res chain seq x y z
N PRO A 1 -8.26 28.44 -40.04
CA PRO A 1 -7.79 27.77 -38.83
C PRO A 1 -6.83 28.64 -37.96
N GLU A 2 -7.30 28.97 -36.78
CA GLU A 2 -6.63 29.88 -35.88
C GLU A 2 -6.54 29.23 -34.50
N PHE A 3 -5.56 29.67 -33.69
CA PHE A 3 -5.52 29.21 -32.30
C PHE A 3 -6.77 29.70 -31.57
N LEU A 4 -7.33 28.82 -30.74
CA LEU A 4 -8.45 29.18 -29.88
C LEU A 4 -7.94 29.91 -28.64
N ASN A 5 -8.55 31.06 -28.32
CA ASN A 5 -8.12 31.81 -27.14
C ASN A 5 -8.35 31.01 -25.86
N ASN A 6 -9.59 30.55 -25.64
CA ASN A 6 -9.98 29.88 -24.40
C ASN A 6 -9.55 30.67 -23.16
N THR A 7 -9.67 31.99 -23.22
CA THR A 7 -9.41 32.83 -22.05
C THR A 7 -10.70 33.28 -21.37
N GLU A 8 -11.85 32.82 -21.83
CA GLU A 8 -13.12 33.26 -21.28
C GLU A 8 -13.37 32.63 -19.91
N PRO A 9 -14.23 33.25 -19.10
CA PRO A 9 -14.59 32.63 -17.81
C PRO A 9 -15.39 31.35 -18.03
N LEU A 10 -15.30 30.45 -17.05
CA LEU A 10 -16.15 29.27 -17.05
C LEU A 10 -17.59 29.67 -16.71
N CYS A 11 -18.55 29.05 -17.39
CA CYS A 11 -19.95 29.39 -17.19
C CYS A 11 -20.42 28.98 -15.79
N ASN A 12 -21.40 29.71 -15.28
CA ASN A 12 -22.16 29.30 -14.11
C ASN A 12 -23.32 28.44 -14.56
N VAL A 13 -23.45 27.25 -13.97
CA VAL A 13 -24.46 26.29 -14.38
C VAL A 13 -25.29 25.88 -13.16
N SER A 14 -26.58 25.67 -13.37
CA SER A 14 -27.50 25.23 -12.33
C SER A 14 -27.89 23.76 -12.48
N GLY A 15 -27.40 23.09 -13.52
CA GLY A 15 -27.69 21.69 -13.72
C GLY A 15 -26.86 21.15 -14.86
N PHE A 16 -26.89 19.83 -14.99
CA PHE A 16 -26.16 19.13 -16.05
C PHE A 16 -27.14 18.24 -16.81
N ALA A 17 -27.21 18.44 -18.13
CA ALA A 17 -28.08 17.66 -18.99
C ALA A 17 -27.27 16.60 -19.72
N ILE A 18 -27.85 15.41 -19.87
CA ILE A 18 -27.14 14.32 -20.52
C ILE A 18 -26.92 14.63 -21.99
N VAL A 19 -25.76 14.27 -22.50
CA VAL A 19 -25.30 14.63 -23.84
C VAL A 19 -25.19 13.41 -24.73
N SER A 20 -24.54 12.36 -24.24
CA SER A 20 -24.36 11.15 -25.02
C SER A 20 -24.30 9.94 -24.10
N LYS A 21 -24.47 8.78 -24.70
CA LYS A 21 -24.36 7.49 -24.03
C LYS A 21 -24.01 6.47 -25.10
N ASP A 22 -22.82 5.87 -25.00
CA ASP A 22 -22.29 5.09 -26.12
C ASP A 22 -22.73 3.63 -26.12
N ASN A 23 -23.24 3.11 -25.00
CA ASN A 23 -23.75 1.73 -24.90
C ASN A 23 -22.72 0.72 -25.43
N GLY A 24 -21.43 1.02 -25.25
CA GLY A 24 -20.41 0.25 -25.92
C GLY A 24 -20.39 -1.23 -25.56
N ILE A 25 -20.58 -1.54 -24.28
CA ILE A 25 -20.51 -2.94 -23.87
C ILE A 25 -21.73 -3.71 -24.37
N ARG A 26 -22.92 -3.09 -24.33
CA ARG A 26 -24.10 -3.71 -24.92
C ARG A 26 -23.88 -4.02 -26.39
N ILE A 27 -23.45 -3.01 -27.16
CA ILE A 27 -23.15 -3.21 -28.57
C ILE A 27 -22.06 -4.25 -28.73
N GLY A 28 -21.05 -4.22 -27.87
CA GLY A 28 -19.91 -5.12 -27.95
C GLY A 28 -20.25 -6.56 -27.63
N SER A 29 -21.47 -6.85 -27.20
CA SER A 29 -21.88 -8.24 -27.00
C SER A 29 -21.89 -9.02 -28.31
N ARG A 30 -22.12 -8.34 -29.43
CA ARG A 30 -22.15 -9.00 -30.74
C ARG A 30 -21.28 -8.25 -31.74
N GLY A 31 -21.19 -6.93 -31.61
CA GLY A 31 -20.34 -6.14 -32.48
C GLY A 31 -18.88 -6.22 -32.08
N HIS A 32 -18.05 -5.55 -32.87
CA HIS A 32 -16.59 -5.58 -32.68
C HIS A 32 -16.18 -4.29 -31.99
N VAL A 33 -16.03 -4.36 -30.66
CA VAL A 33 -15.85 -3.19 -29.81
C VAL A 33 -14.67 -3.43 -28.88
N PHE A 34 -13.81 -2.43 -28.76
CA PHE A 34 -12.60 -2.57 -27.96
C PHE A 34 -12.94 -2.70 -26.48
N VAL A 35 -12.19 -3.56 -25.80
CA VAL A 35 -12.12 -3.51 -24.34
C VAL A 35 -11.31 -2.29 -23.95
N ILE A 36 -11.88 -1.45 -23.08
CA ILE A 36 -11.32 -0.12 -22.82
C ILE A 36 -11.32 0.19 -21.32
N ARG A 37 -10.57 1.23 -20.96
CA ARG A 37 -10.80 1.95 -19.74
C ARG A 37 -10.89 3.42 -20.12
N GLU A 38 -11.07 4.15 -19.04
CA GLU A 38 -11.09 5.61 -18.94
C GLU A 38 -11.39 6.31 -20.24
N PRO A 39 -12.73 6.41 -20.83
CA PRO A 39 -13.27 7.12 -22.01
C PRO A 39 -13.48 8.62 -21.78
N PHE A 40 -12.39 9.36 -21.91
CA PHE A 40 -12.44 10.78 -21.63
C PHE A 40 -12.72 11.56 -22.90
N VAL A 41 -13.24 12.77 -22.73
CA VAL A 41 -13.73 13.58 -23.83
C VAL A 41 -12.89 14.84 -23.93
N ALA A 42 -12.54 15.23 -25.15
CA ALA A 42 -11.94 16.52 -25.46
C ALA A 42 -12.63 17.08 -26.68
N CYS A 43 -12.66 18.41 -26.79
CA CYS A 43 -13.40 19.07 -27.86
C CYS A 43 -12.48 20.00 -28.63
N GLY A 44 -12.54 19.91 -29.96
CA GLY A 44 -11.90 20.85 -30.83
C GLY A 44 -12.83 21.99 -31.17
N PRO A 45 -12.47 22.80 -32.17
CA PRO A 45 -13.32 23.93 -32.55
C PRO A 45 -14.56 23.52 -33.35
N THR A 46 -14.61 22.29 -33.85
CA THR A 46 -15.71 21.83 -34.68
C THR A 46 -16.35 20.54 -34.21
N GLU A 47 -15.80 19.88 -33.20
CA GLU A 47 -16.23 18.53 -32.84
C GLU A 47 -15.76 18.19 -31.44
N CYS A 48 -16.53 17.34 -30.76
CA CYS A 48 -16.11 16.71 -29.52
C CYS A 48 -15.89 15.22 -29.78
N ARG A 49 -14.85 14.66 -29.15
CA ARG A 49 -14.48 13.27 -29.37
C ARG A 49 -14.25 12.56 -28.04
N THR A 50 -14.56 11.27 -28.03
CA THR A 50 -14.30 10.40 -26.89
C THR A 50 -13.00 9.65 -27.15
N PHE A 51 -11.97 9.98 -26.37
CA PHE A 51 -10.72 9.23 -26.40
C PHE A 51 -10.81 8.08 -25.40
N PHE A 52 -9.93 7.10 -25.57
CA PHE A 52 -9.95 5.97 -24.65
C PHE A 52 -8.66 5.19 -24.78
N LEU A 53 -8.37 4.38 -23.77
CA LEU A 53 -7.25 3.46 -23.79
C LEU A 53 -7.77 2.06 -24.01
N THR A 54 -7.09 1.29 -24.89
CA THR A 54 -7.38 -0.15 -25.10
C THR A 54 -6.10 -0.96 -25.27
N GLN A 55 -6.16 -2.26 -25.05
CA GLN A 55 -4.99 -3.14 -25.22
C GLN A 55 -5.13 -3.91 -26.53
N GLY A 56 -5.96 -3.43 -27.44
CA GLY A 56 -6.11 -4.17 -28.69
C GLY A 56 -6.98 -5.40 -28.59
N ALA A 57 -7.68 -5.65 -27.51
CA ALA A 57 -8.60 -6.80 -27.54
C ALA A 57 -10.03 -6.29 -27.72
N LEU A 58 -10.91 -7.14 -28.24
CA LEU A 58 -12.32 -6.88 -28.45
C LEU A 58 -13.12 -7.66 -27.43
N LEU A 59 -14.30 -7.14 -27.12
CA LEU A 59 -15.21 -7.78 -26.19
C LEU A 59 -15.61 -9.16 -26.73
N ASN A 60 -15.80 -10.11 -25.80
CA ASN A 60 -16.12 -11.50 -26.12
C ASN A 60 -15.03 -12.20 -26.92
N ASP A 61 -13.80 -11.71 -26.87
CA ASP A 61 -12.67 -12.40 -27.47
C ASP A 61 -11.70 -12.83 -26.37
N LYS A 62 -11.00 -13.94 -26.62
CA LYS A 62 -10.13 -14.53 -25.62
C LYS A 62 -8.99 -13.60 -25.21
N HIS A 63 -8.63 -12.63 -26.07
CA HIS A 63 -7.59 -11.67 -25.73
C HIS A 63 -8.03 -10.66 -24.70
N SER A 64 -9.33 -10.60 -24.38
CA SER A 64 -9.82 -9.75 -23.30
C SER A 64 -9.53 -10.34 -21.92
N ASN A 65 -9.02 -11.57 -21.87
CA ASN A 65 -8.56 -12.16 -20.61
C ASN A 65 -7.69 -11.17 -19.85
N ASN A 66 -8.11 -10.83 -18.64
CA ASN A 66 -7.57 -9.66 -17.96
C ASN A 66 -6.30 -9.92 -17.16
N THR A 67 -6.13 -11.18 -16.74
CA THR A 67 -4.95 -11.73 -16.01
C THR A 67 -4.37 -10.85 -14.88
N VAL A 68 -3.48 -9.91 -15.24
CA VAL A 68 -2.62 -9.17 -14.26
C VAL A 68 -2.90 -7.67 -14.24
N LYS A 69 -2.57 -6.99 -13.14
CA LYS A 69 -2.74 -5.53 -13.17
C LYS A 69 -1.46 -4.79 -13.57
N ASP A 70 -0.89 -5.11 -14.75
CA ASP A 70 0.26 -4.33 -15.21
C ASP A 70 -0.09 -3.25 -16.22
N ARG A 71 0.99 -2.67 -16.76
CA ARG A 71 0.97 -1.76 -17.90
C ARG A 71 1.58 -2.46 -19.11
N SER A 72 0.90 -2.37 -20.25
CA SER A 72 1.19 -3.26 -21.35
C SER A 72 1.81 -2.55 -22.54
N PRO A 73 2.68 -3.23 -23.30
CA PRO A 73 3.10 -2.69 -24.60
C PRO A 73 2.00 -2.71 -25.64
N TYR A 74 0.93 -3.47 -25.42
CA TYR A 74 -0.18 -3.54 -26.36
C TYR A 74 -1.13 -2.36 -26.26
N ARG A 75 -1.01 -1.52 -25.23
CA ARG A 75 -2.02 -0.54 -24.90
C ARG A 75 -1.83 0.74 -25.70
N ALA A 76 -2.94 1.28 -26.20
CA ALA A 76 -2.91 2.39 -27.14
C ALA A 76 -4.02 3.39 -26.82
N LEU A 77 -3.81 4.62 -27.27
CA LEU A 77 -4.81 5.68 -27.18
C LEU A 77 -5.50 5.83 -28.53
N MET A 78 -6.83 5.73 -28.53
CA MET A 78 -7.63 5.89 -29.74
C MET A 78 -8.79 6.83 -29.44
N SER A 79 -9.56 7.17 -30.47
CA SER A 79 -10.66 8.11 -30.32
C SER A 79 -11.75 7.84 -31.34
N VAL A 80 -12.98 8.19 -30.97
CA VAL A 80 -14.16 8.09 -31.82
C VAL A 80 -14.99 9.35 -31.66
N PRO A 81 -15.91 9.60 -32.58
CA PRO A 81 -16.85 10.72 -32.40
C PRO A 81 -17.65 10.55 -31.11
N LEU A 82 -17.95 11.69 -30.46
CA LEU A 82 -18.67 11.67 -29.20
C LEU A 82 -19.99 10.94 -29.32
N GLY A 83 -20.19 9.93 -28.47
CA GLY A 83 -21.38 9.11 -28.48
C GLY A 83 -21.24 7.78 -29.18
N SER A 84 -20.21 7.60 -30.00
CA SER A 84 -20.00 6.34 -30.69
C SER A 84 -19.41 5.29 -29.76
N SER A 85 -19.72 4.04 -30.04
CA SER A 85 -19.05 2.95 -29.36
C SER A 85 -17.58 2.91 -29.78
N PRO A 86 -16.68 2.50 -28.89
CA PRO A 86 -15.25 2.39 -29.26
C PRO A 86 -14.98 1.14 -30.10
N ASN A 87 -15.48 1.15 -31.34
CA ASN A 87 -15.46 -0.04 -32.18
C ASN A 87 -14.23 -0.06 -33.09
N ALA A 88 -14.00 -1.23 -33.68
CA ALA A 88 -12.76 -1.48 -34.42
C ALA A 88 -12.66 -0.68 -35.71
N TYR A 89 -13.78 -0.27 -36.28
CA TYR A 89 -13.80 0.27 -37.64
C TYR A 89 -14.00 1.78 -37.68
N GLN A 90 -14.44 2.39 -36.57
CA GLN A 90 -14.50 3.84 -36.44
C GLN A 90 -13.35 4.42 -35.65
N ALA A 91 -12.65 3.59 -34.86
CA ALA A 91 -11.63 4.10 -33.95
C ALA A 91 -10.45 4.67 -34.73
N LYS A 92 -9.98 5.84 -34.31
CA LYS A 92 -8.83 6.50 -34.91
C LYS A 92 -7.65 6.41 -33.95
N PHE A 93 -6.52 5.93 -34.44
CA PHE A 93 -5.33 5.75 -33.61
C PHE A 93 -4.69 7.11 -33.34
N GLU A 94 -4.39 7.38 -32.07
CA GLU A 94 -3.70 8.60 -31.65
C GLU A 94 -2.28 8.37 -31.16
N SER A 95 -2.05 7.34 -30.36
CA SER A 95 -0.75 7.15 -29.70
C SER A 95 -0.66 5.76 -29.09
N VAL A 96 0.57 5.24 -29.06
CA VAL A 96 0.90 4.19 -28.09
C VAL A 96 0.84 4.80 -26.69
N ALA A 97 0.13 4.13 -25.78
CA ALA A 97 -0.07 4.72 -24.45
C ALA A 97 -0.67 3.75 -23.45
N TRP A 98 -0.09 3.68 -22.25
CA TRP A 98 -0.81 3.17 -21.09
C TRP A 98 -1.16 4.28 -20.10
N SER A 99 -0.88 5.53 -20.45
CA SER A 99 -1.39 6.70 -19.74
C SER A 99 -1.36 7.85 -20.74
N ALA A 100 -2.37 8.71 -20.70
CA ALA A 100 -2.53 9.63 -21.81
C ALA A 100 -3.31 10.88 -21.40
N THR A 101 -3.17 11.92 -22.22
CA THR A 101 -4.01 13.10 -22.21
C THR A 101 -4.06 13.65 -23.63
N ALA A 102 -5.12 14.41 -23.93
CA ALA A 102 -5.28 14.96 -25.28
C ALA A 102 -6.16 16.20 -25.23
N CYS A 103 -5.92 17.12 -26.17
CA CYS A 103 -6.68 18.37 -26.29
C CYS A 103 -6.39 18.96 -27.67
N HIS A 104 -7.02 20.10 -27.97
CA HIS A 104 -6.99 20.68 -29.31
C HIS A 104 -6.61 22.16 -29.25
N ASP A 105 -5.56 22.51 -30.03
CA ASP A 105 -5.09 23.90 -30.16
C ASP A 105 -6.17 24.85 -30.60
N GLY A 106 -7.11 24.38 -31.42
CA GLY A 106 -7.84 25.20 -32.35
C GLY A 106 -7.34 25.03 -33.78
N LYS A 107 -6.09 24.63 -33.96
CA LYS A 107 -5.53 24.27 -35.26
C LYS A 107 -5.42 22.76 -35.44
N LYS A 108 -4.85 22.05 -34.46
CA LYS A 108 -4.63 20.62 -34.57
C LYS A 108 -4.92 19.93 -33.24
N TRP A 109 -5.07 18.62 -33.33
CA TRP A 109 -5.17 17.77 -32.15
C TRP A 109 -3.79 17.56 -31.54
N LEU A 110 -3.74 17.59 -30.21
CA LEU A 110 -2.55 17.26 -29.44
C LEU A 110 -2.85 16.04 -28.59
N ALA A 111 -2.02 15.01 -28.71
CA ALA A 111 -2.18 13.79 -27.93
C ALA A 111 -0.85 13.42 -27.30
N VAL A 112 -0.87 13.18 -25.98
CA VAL A 112 0.32 12.80 -25.23
C VAL A 112 0.13 11.37 -24.73
N GLY A 113 0.98 10.46 -25.19
CA GLY A 113 0.87 9.08 -24.79
C GLY A 113 2.14 8.53 -24.19
N ILE A 114 2.04 7.87 -23.04
CA ILE A 114 3.18 7.36 -22.30
C ILE A 114 3.24 5.85 -22.45
N SER A 115 4.41 5.34 -22.84
CA SER A 115 4.67 3.91 -22.89
C SER A 115 6.11 3.68 -22.45
N GLY A 116 6.51 2.41 -22.39
CA GLY A 116 7.82 2.03 -21.92
C GLY A 116 7.74 1.29 -20.60
N ALA A 117 8.92 0.89 -20.12
CA ALA A 117 9.00 0.16 -18.86
C ALA A 117 8.73 1.09 -17.69
N ASP A 118 8.30 0.50 -16.57
CA ASP A 118 7.98 1.26 -15.36
C ASP A 118 9.14 2.15 -14.94
N ASP A 119 10.36 1.65 -15.03
CA ASP A 119 11.49 2.42 -14.56
C ASP A 119 12.13 3.29 -15.62
N ASP A 120 11.70 3.24 -16.88
CA ASP A 120 12.26 4.18 -17.83
C ASP A 120 11.23 4.55 -18.91
N ALA A 121 10.01 4.86 -18.52
CA ALA A 121 8.97 5.19 -19.48
C ALA A 121 9.18 6.59 -20.07
N TYR A 122 8.48 6.86 -21.18
CA TYR A 122 8.55 8.19 -21.78
C TYR A 122 7.25 8.53 -22.50
N ALA A 123 6.99 9.83 -22.61
CA ALA A 123 5.80 10.34 -23.27
C ALA A 123 6.15 10.76 -24.69
N VAL A 124 5.32 10.37 -25.65
CA VAL A 124 5.44 10.81 -27.04
C VAL A 124 4.33 11.81 -27.29
N ILE A 125 4.71 12.99 -27.76
CA ILE A 125 3.75 14.05 -28.05
C ILE A 125 3.38 13.97 -29.53
N HIS A 126 2.09 13.82 -29.80
CA HIS A 126 1.57 13.76 -31.16
C HIS A 126 0.81 15.06 -31.43
N TYR A 127 1.21 15.75 -32.50
CA TYR A 127 0.60 17.02 -32.88
C TYR A 127 0.16 16.92 -34.35
N GLY A 128 -1.15 16.90 -34.56
CA GLY A 128 -1.67 16.69 -35.91
C GLY A 128 -1.31 15.34 -36.49
N GLY A 129 -1.22 14.31 -35.65
CA GLY A 129 -0.86 12.98 -36.08
C GLY A 129 0.61 12.65 -35.91
N MET A 130 1.42 13.60 -35.43
CA MET A 130 2.83 13.31 -35.58
C MET A 130 3.65 13.44 -34.31
N PRO A 131 4.62 12.54 -34.14
CA PRO A 131 5.61 12.67 -33.06
C PRO A 131 6.39 13.95 -33.25
N THR A 132 6.25 14.85 -32.28
CA THR A 132 6.92 16.14 -32.33
C THR A 132 7.87 16.36 -31.16
N ASP A 133 7.67 15.68 -30.04
CA ASP A 133 8.56 15.84 -28.89
C ASP A 133 8.40 14.64 -27.98
N VAL A 134 9.28 14.56 -26.99
CA VAL A 134 9.30 13.49 -26.00
C VAL A 134 9.51 14.09 -24.61
N VAL A 135 8.86 13.50 -23.61
CA VAL A 135 9.13 13.79 -22.20
C VAL A 135 9.59 12.49 -21.55
N ARG A 136 10.79 12.50 -20.98
CA ARG A 136 11.32 11.34 -20.29
C ARG A 136 10.90 11.35 -18.83
N SER A 137 10.85 10.15 -18.25
CA SER A 137 10.62 10.03 -16.81
C SER A 137 11.81 10.57 -16.05
N TRP A 138 11.53 11.40 -15.04
CA TRP A 138 12.58 12.06 -14.22
C TRP A 138 12.73 11.39 -12.86
N ARG A 139 11.95 10.35 -12.56
CA ARG A 139 12.02 9.69 -11.24
C ARG A 139 12.04 8.18 -11.43
N LYS A 140 11.91 7.75 -12.67
CA LYS A 140 11.97 6.32 -13.06
C LYS A 140 10.96 5.50 -12.27
N GLN A 141 9.78 6.03 -11.97
CA GLN A 141 8.78 5.18 -11.27
C GLN A 141 7.38 5.47 -11.84
N ILE A 142 7.03 4.79 -12.92
CA ILE A 142 5.71 4.87 -13.61
C ILE A 142 5.28 6.29 -13.94
N LEU A 143 5.90 6.86 -14.93
CA LEU A 143 5.56 8.20 -15.40
C LEU A 143 4.14 8.19 -15.96
N ARG A 144 3.30 9.10 -15.48
CA ARG A 144 1.88 9.00 -15.76
C ARG A 144 1.27 10.39 -15.82
N THR A 145 0.06 10.44 -16.37
CA THR A 145 -0.64 11.70 -16.63
C THR A 145 -2.14 11.61 -16.32
N GLN A 146 -2.83 12.66 -16.71
CA GLN A 146 -4.23 13.04 -16.41
C GLN A 146 -5.34 12.01 -16.59
N GLU A 147 -5.32 11.33 -17.75
CA GLU A 147 -6.33 10.35 -18.24
C GLU A 147 -7.55 11.13 -18.72
N SER A 148 -7.40 12.45 -18.92
CA SER A 148 -8.52 13.26 -19.41
C SER A 148 -7.95 14.39 -20.26
N SER A 149 -8.83 15.27 -20.71
CA SER A 149 -8.42 16.32 -21.62
C SER A 149 -7.48 17.31 -20.94
N CYS A 150 -6.42 17.66 -21.67
CA CYS A 150 -5.54 18.77 -21.30
C CYS A 150 -6.19 20.09 -21.70
N VAL A 151 -5.46 21.20 -21.55
CA VAL A 151 -6.02 22.54 -21.71
C VAL A 151 -5.12 23.33 -22.66
N CYS A 152 -5.73 23.98 -23.65
CA CYS A 152 -5.00 24.82 -24.59
C CYS A 152 -5.59 26.23 -24.53
N MET A 153 -4.71 27.23 -24.35
CA MET A 153 -5.10 28.63 -24.40
C MET A 153 -4.05 29.41 -25.20
N ASN A 154 -4.53 30.24 -26.13
CA ASN A 154 -3.65 31.14 -26.90
C ASN A 154 -2.54 30.38 -27.63
N GLY A 155 -2.86 29.19 -28.14
CA GLY A 155 -1.88 28.41 -28.86
C GLY A 155 -0.88 27.67 -27.99
N ASN A 156 -1.09 27.63 -26.68
CA ASN A 156 -0.23 26.91 -25.75
C ASN A 156 -1.06 25.89 -24.99
N CYS A 157 -0.52 24.69 -24.79
CA CYS A 157 -1.27 23.60 -24.19
C CYS A 157 -0.54 23.09 -22.95
N TYR A 158 -1.32 22.79 -21.91
CA TYR A 158 -0.80 22.49 -20.58
C TYR A 158 -1.37 21.16 -20.08
N TRP A 159 -0.55 20.44 -19.32
CA TRP A 159 -1.00 19.22 -18.66
C TRP A 159 -0.09 18.94 -17.47
N VAL A 160 -0.53 17.99 -16.64
CA VAL A 160 0.11 17.70 -15.36
C VAL A 160 0.60 16.26 -15.40
N MET A 161 1.80 16.01 -14.88
CA MET A 161 2.34 14.65 -14.87
C MET A 161 2.86 14.30 -13.49
N THR A 162 2.88 13.01 -13.20
CA THR A 162 3.35 12.48 -11.93
C THR A 162 4.38 11.38 -12.17
N ASP A 163 5.44 11.40 -11.36
CA ASP A 163 6.51 10.42 -11.42
C ASP A 163 6.91 10.10 -9.98
N GLY A 164 6.75 8.84 -9.58
CA GLY A 164 7.00 8.45 -8.22
C GLY A 164 6.01 7.41 -7.72
N PRO A 165 6.13 7.03 -6.45
CA PRO A 165 5.25 5.99 -5.90
C PRO A 165 3.78 6.40 -5.96
N ALA A 166 2.92 5.40 -6.15
CA ALA A 166 1.48 5.60 -6.18
C ALA A 166 0.84 5.58 -4.79
N ASN A 167 1.58 5.16 -3.76
CA ASN A 167 1.07 5.10 -2.39
C ASN A 167 1.99 5.84 -1.43
N SER A 168 2.87 6.72 -1.93
CA SER A 168 3.79 7.48 -1.11
C SER A 168 3.99 8.84 -1.74
N GLN A 169 4.78 9.68 -1.07
CA GLN A 169 5.20 10.95 -1.65
C GLN A 169 5.79 10.75 -3.03
N ALA A 170 5.35 11.57 -3.99
CA ALA A 170 5.86 11.51 -5.34
C ALA A 170 6.25 12.90 -5.83
N SER A 171 6.58 13.02 -7.11
CA SER A 171 6.92 14.30 -7.73
C SER A 171 5.87 14.67 -8.76
N TYR A 172 5.51 15.96 -8.82
CA TYR A 172 4.42 16.44 -9.64
C TYR A 172 4.89 17.64 -10.43
N LYS A 173 4.59 17.65 -11.73
CA LYS A 173 5.10 18.67 -12.63
C LYS A 173 4.01 19.18 -13.57
N ILE A 174 4.10 20.46 -13.91
CA ILE A 174 3.25 21.09 -14.91
C ILE A 174 4.09 21.31 -16.16
N PHE A 175 3.53 20.93 -17.30
CA PHE A 175 4.22 21.07 -18.58
C PHE A 175 3.50 22.06 -19.46
N LYS A 176 4.27 22.83 -20.24
CA LYS A 176 3.72 23.78 -21.20
C LYS A 176 4.30 23.49 -22.57
N SER A 177 3.45 23.40 -23.58
CA SER A 177 3.84 23.03 -24.93
C SER A 177 3.28 24.02 -25.93
N HIS A 178 3.96 24.11 -27.07
CA HIS A 178 3.52 24.96 -28.18
C HIS A 178 3.76 24.22 -29.49
N GLU A 179 2.67 23.93 -30.21
CA GLU A 179 2.73 23.15 -31.44
C GLU A 179 3.45 21.82 -31.23
N GLY A 180 3.19 21.20 -30.08
CA GLY A 180 3.76 19.92 -29.73
C GLY A 180 5.16 19.96 -29.18
N MET A 181 5.78 21.14 -29.07
CA MET A 181 7.11 21.29 -28.50
C MET A 181 6.99 21.79 -27.08
N VAL A 182 7.61 21.06 -26.13
CA VAL A 182 7.64 21.49 -24.75
C VAL A 182 8.47 22.77 -24.65
N THR A 183 7.88 23.83 -24.11
CA THR A 183 8.54 25.12 -23.99
C THR A 183 8.82 25.53 -22.56
N ASN A 184 8.19 24.89 -21.59
CA ASN A 184 8.43 25.18 -20.18
C ASN A 184 7.95 24.00 -19.35
N GLU A 185 8.43 23.95 -18.11
CA GLU A 185 7.95 22.98 -17.12
C GLU A 185 8.19 23.55 -15.73
N ARG A 186 7.44 23.03 -14.76
CA ARG A 186 7.53 23.51 -13.39
C ARG A 186 7.13 22.39 -12.43
N GLU A 187 7.99 22.11 -11.45
CA GLU A 187 7.69 21.11 -10.43
C GLU A 187 6.87 21.74 -9.31
N VAL A 188 5.86 21.01 -8.84
CA VAL A 188 4.92 21.49 -7.83
C VAL A 188 5.37 20.96 -6.48
N SER A 189 5.77 21.85 -5.58
CA SER A 189 6.23 21.46 -4.24
C SER A 189 5.01 21.18 -3.37
N PHE A 190 4.83 19.93 -2.99
CA PHE A 190 3.59 19.50 -2.36
C PHE A 190 3.84 18.42 -1.30
N GLN A 191 4.79 18.66 -0.39
CA GLN A 191 5.13 17.66 0.62
C GLN A 191 3.91 17.33 1.49
N GLY A 192 3.68 16.03 1.71
CA GLY A 192 2.52 15.55 2.41
C GLY A 192 1.31 15.30 1.52
N GLY A 193 1.31 15.83 0.30
CA GLY A 193 0.20 15.66 -0.61
C GLY A 193 0.48 14.74 -1.78
N HIS A 194 -0.57 14.30 -2.46
CA HIS A 194 -0.44 13.31 -3.54
C HIS A 194 -1.33 13.72 -4.71
N ILE A 195 -0.68 14.02 -5.84
CA ILE A 195 -1.38 14.46 -7.09
C ILE A 195 -1.37 13.35 -8.14
N GLU A 196 -2.56 12.99 -8.62
CA GLU A 196 -2.65 11.90 -9.62
C GLU A 196 -3.95 12.03 -10.40
N GLU A 197 -3.84 11.92 -11.73
CA GLU A 197 -4.97 11.91 -12.69
C GLU A 197 -5.84 13.14 -12.56
N CYS A 198 -5.26 14.27 -12.83
CA CYS A 198 -5.96 15.55 -12.66
C CYS A 198 -7.00 15.72 -13.76
N SER A 199 -8.11 16.37 -13.43
CA SER A 199 -9.18 16.82 -14.35
C SER A 199 -9.00 18.31 -14.35
N CYS A 200 -8.62 18.92 -15.47
CA CYS A 200 -8.32 20.34 -15.63
C CYS A 200 -9.21 20.97 -16.68
N TYR A 201 -9.44 22.28 -16.53
CA TYR A 201 -10.30 23.05 -17.41
C TYR A 201 -9.85 24.49 -17.38
N PRO A 202 -10.04 25.24 -18.46
CA PRO A 202 -9.72 26.68 -18.45
C PRO A 202 -10.76 27.49 -17.69
N ASN A 203 -10.29 28.57 -17.06
CA ASN A 203 -11.19 29.46 -16.33
C ASN A 203 -10.52 30.84 -16.27
N LEU A 204 -10.99 31.77 -17.10
CA LEU A 204 -10.47 33.14 -17.16
C LEU A 204 -8.95 33.16 -17.32
N GLY A 205 -8.46 32.44 -18.32
CA GLY A 205 -7.05 32.47 -18.65
C GLY A 205 -6.14 31.68 -17.72
N LYS A 206 -6.68 31.06 -16.68
CA LYS A 206 -5.94 30.19 -15.79
C LYS A 206 -6.41 28.76 -15.95
N VAL A 207 -5.56 27.81 -15.57
CA VAL A 207 -5.92 26.40 -15.59
C VAL A 207 -6.22 25.96 -14.16
N GLU A 208 -7.39 25.35 -13.96
CA GLU A 208 -7.81 24.87 -12.66
C GLU A 208 -8.01 23.36 -12.74
N CYS A 209 -7.43 22.63 -11.79
CA CYS A 209 -7.42 21.19 -11.81
C CYS A 209 -7.97 20.63 -10.50
N VAL A 210 -8.75 19.57 -10.58
CA VAL A 210 -9.23 18.84 -9.39
C VAL A 210 -8.62 17.45 -9.56
N CYS A 211 -7.89 16.93 -8.58
CA CYS A 211 -7.13 15.70 -8.85
C CYS A 211 -7.47 14.61 -7.85
N ARG A 212 -6.69 13.54 -7.87
CA ARG A 212 -6.94 12.39 -6.98
C ARG A 212 -5.72 12.17 -6.09
N ASP A 213 -5.98 12.05 -4.81
CA ASP A 213 -4.96 11.73 -3.81
C ASP A 213 -5.01 10.21 -3.58
N ASN A 214 -3.96 9.51 -3.99
CA ASN A 214 -3.87 8.07 -3.81
C ASN A 214 -3.05 7.68 -2.57
N TRP A 215 -2.80 8.64 -1.65
CA TRP A 215 -1.95 8.35 -0.49
C TRP A 215 -2.66 8.53 0.86
N ASN A 216 -2.97 9.75 1.27
CA ASN A 216 -3.50 10.01 2.62
C ASN A 216 -4.69 10.97 2.59
N GLY A 217 -5.34 11.12 1.44
CA GLY A 217 -6.42 12.08 1.35
C GLY A 217 -7.66 11.51 0.71
N MET A 218 -8.78 11.60 1.43
CA MET A 218 -10.09 11.36 0.86
C MET A 218 -10.73 12.64 0.34
N ASN A 219 -10.08 13.78 0.54
CA ASN A 219 -10.38 15.00 -0.19
C ASN A 219 -9.43 15.14 -1.37
N ARG A 220 -9.85 15.97 -2.34
CA ARG A 220 -9.18 16.01 -3.63
C ARG A 220 -8.22 17.19 -3.71
N PRO A 221 -7.00 16.96 -4.18
CA PRO A 221 -6.06 18.07 -4.37
C PRO A 221 -6.56 19.06 -5.42
N ILE A 222 -6.22 20.32 -5.22
CA ILE A 222 -6.56 21.41 -6.13
C ILE A 222 -5.28 22.08 -6.59
N LEU A 223 -5.15 22.27 -7.90
CA LEU A 223 -3.98 22.89 -8.50
C LEU A 223 -4.44 23.94 -9.50
N ILE A 224 -3.93 25.16 -9.37
CA ILE A 224 -4.26 26.26 -10.26
C ILE A 224 -2.96 26.91 -10.71
N PHE A 225 -2.83 27.17 -12.01
CA PHE A 225 -1.61 27.78 -12.51
C PHE A 225 -1.90 28.64 -13.75
N ASP A 226 -0.98 29.56 -14.04
CA ASP A 226 -1.12 30.52 -15.13
C ASP A 226 -0.16 30.18 -16.26
N GLU A 227 -0.11 31.05 -17.28
CA GLU A 227 0.67 30.77 -18.48
C GLU A 227 2.17 30.79 -18.23
N ASP A 228 2.62 31.39 -17.13
CA ASP A 228 4.03 31.31 -16.73
C ASP A 228 4.31 30.10 -15.84
N LEU A 229 3.29 29.27 -15.58
CA LEU A 229 3.36 28.11 -14.69
C LEU A 229 3.57 28.51 -13.24
N ASP A 230 3.29 29.76 -12.89
CA ASP A 230 3.12 30.11 -11.48
C ASP A 230 1.85 29.46 -10.96
N TYR A 231 1.92 28.86 -9.78
CA TYR A 231 0.85 28.00 -9.31
C TYR A 231 0.54 28.25 -7.84
N GLU A 232 -0.64 27.78 -7.43
CA GLU A 232 -0.95 27.53 -6.04
C GLU A 232 -1.58 26.14 -5.95
N VAL A 233 -1.28 25.42 -4.87
CA VAL A 233 -1.65 24.02 -4.75
C VAL A 233 -2.19 23.77 -3.34
N GLY A 234 -3.18 22.89 -3.25
CA GLY A 234 -3.81 22.55 -1.98
C GLY A 234 -4.88 21.50 -2.17
N TYR A 235 -5.91 21.53 -1.32
CA TYR A 235 -7.01 20.58 -1.39
C TYR A 235 -8.33 21.33 -1.48
N LEU A 236 -9.35 20.63 -1.98
CA LEU A 236 -10.68 21.23 -2.07
C LEU A 236 -11.19 21.60 -0.69
N CYS A 237 -11.45 22.90 -0.48
CA CYS A 237 -11.75 23.41 0.86
C CYS A 237 -12.95 22.71 1.47
N ALA A 238 -13.95 22.38 0.66
CA ALA A 238 -15.26 21.98 1.15
C ALA A 238 -15.17 20.87 2.19
N GLY A 239 -16.03 20.95 3.20
CA GLY A 239 -16.11 19.94 4.23
C GLY A 239 -16.89 18.73 3.79
N ILE A 240 -16.93 18.51 2.48
CA ILE A 240 -17.57 17.36 1.87
C ILE A 240 -16.48 16.57 1.14
N PRO A 241 -16.21 15.33 1.52
CA PRO A 241 -15.19 14.54 0.79
C PRO A 241 -15.78 13.95 -0.47
N THR A 242 -15.00 13.96 -1.55
CA THR A 242 -15.48 13.54 -2.86
C THR A 242 -14.61 12.49 -3.54
N ASP A 243 -13.60 11.96 -2.85
CA ASP A 243 -12.88 10.81 -3.35
C ASP A 243 -13.65 9.53 -3.01
N THR A 244 -13.16 8.41 -3.52
CA THR A 244 -13.65 7.09 -3.14
C THR A 244 -12.44 6.17 -3.00
N PRO A 245 -12.26 5.50 -1.85
CA PRO A 245 -13.14 5.46 -0.68
C PRO A 245 -13.12 6.72 0.18
N ARG A 246 -14.12 6.85 1.05
CA ARG A 246 -14.22 7.96 1.98
C ARG A 246 -15.08 7.53 3.16
N VAL A 247 -15.31 8.45 4.08
CA VAL A 247 -16.28 8.25 5.16
C VAL A 247 -17.50 9.11 4.87
N GLN A 248 -18.58 8.84 5.60
CA GLN A 248 -19.78 9.65 5.45
C GLN A 248 -19.49 11.10 5.80
N ASP A 249 -20.32 12.01 5.27
CA ASP A 249 -20.03 13.44 5.33
C ASP A 249 -19.91 13.93 6.77
N SER A 250 -20.83 13.52 7.64
CA SER A 250 -20.83 14.02 9.02
C SER A 250 -19.59 13.60 9.80
N SER A 251 -18.87 12.57 9.35
CA SER A 251 -17.65 12.12 10.00
C SER A 251 -16.39 12.75 9.40
N PHE A 252 -16.52 13.91 8.75
CA PHE A 252 -15.42 14.49 7.99
C PHE A 252 -15.27 15.96 8.32
N THR A 253 -14.02 16.39 8.54
CA THR A 253 -13.67 17.80 8.70
C THR A 253 -12.81 18.21 7.51
N GLY A 254 -13.19 19.31 6.86
CA GLY A 254 -12.51 19.73 5.66
C GLY A 254 -11.20 20.43 5.93
N SER A 255 -10.48 20.71 4.84
CA SER A 255 -9.21 21.42 4.91
C SER A 255 -8.86 21.95 3.54
N CYS A 256 -8.46 23.23 3.48
CA CYS A 256 -8.02 23.84 2.23
C CYS A 256 -6.57 23.49 1.89
N THR A 257 -5.80 22.97 2.84
CA THR A 257 -4.35 22.88 2.68
C THR A 257 -3.76 21.49 2.87
N ASN A 258 -4.43 20.57 3.56
CA ASN A 258 -3.82 19.31 3.93
C ASN A 258 -4.75 18.13 3.66
N ALA A 259 -4.14 16.96 3.40
CA ALA A 259 -4.91 15.75 3.16
C ALA A 259 -5.51 15.22 4.45
N VAL A 260 -6.79 14.87 4.39
CA VAL A 260 -7.52 14.27 5.51
C VAL A 260 -7.89 12.85 5.10
N GLY A 261 -7.49 11.87 5.91
CA GLY A 261 -7.64 10.46 5.55
C GLY A 261 -7.89 9.58 6.74
N GLY A 262 -7.28 8.41 6.75
CA GLY A 262 -7.52 7.44 7.81
C GLY A 262 -8.83 6.69 7.62
N SER A 263 -9.25 6.03 8.69
CA SER A 263 -10.51 5.28 8.75
C SER A 263 -10.61 4.22 7.64
N GLY A 264 -9.47 3.76 7.14
CA GLY A 264 -9.46 2.72 6.12
C GLY A 264 -9.56 3.20 4.69
N THR A 265 -9.36 4.50 4.44
CA THR A 265 -9.51 5.08 3.11
C THR A 265 -8.18 5.41 2.45
N ASN A 266 -7.05 5.07 3.07
CA ASN A 266 -5.76 5.46 2.54
C ASN A 266 -5.31 4.52 1.43
N ASN A 267 -4.36 5.01 0.63
CA ASN A 267 -3.70 4.23 -0.41
C ASN A 267 -4.64 3.83 -1.54
N TYR A 268 -5.69 4.61 -1.79
CA TYR A 268 -6.53 4.41 -2.95
C TYR A 268 -7.26 5.70 -3.28
N GLY A 269 -8.10 5.64 -4.32
CA GLY A 269 -8.82 6.80 -4.80
C GLY A 269 -9.53 6.47 -6.10
N VAL A 270 -10.18 7.50 -6.65
CA VAL A 270 -10.77 7.45 -7.98
C VAL A 270 -10.53 8.79 -8.66
N LYS A 271 -10.33 8.73 -9.97
CA LYS A 271 -10.23 10.00 -10.72
C LYS A 271 -11.60 10.68 -10.64
N GLY A 272 -11.58 11.98 -10.46
CA GLY A 272 -12.80 12.75 -10.36
C GLY A 272 -12.60 14.17 -10.84
N PHE A 273 -13.57 15.05 -10.56
CA PHE A 273 -13.55 16.38 -11.14
C PHE A 273 -14.30 17.36 -10.24
N GLY A 274 -14.04 18.64 -10.47
CA GLY A 274 -14.83 19.71 -9.89
C GLY A 274 -14.77 20.92 -10.80
N PHE A 275 -15.73 21.83 -10.59
CA PHE A 275 -15.81 23.07 -11.35
C PHE A 275 -16.02 24.23 -10.40
N ARG A 276 -15.08 25.17 -10.39
CA ARG A 276 -15.22 26.36 -9.57
C ARG A 276 -16.38 27.20 -10.07
N GLN A 277 -17.22 27.67 -9.14
CA GLN A 277 -18.40 28.48 -9.45
C GLN A 277 -18.30 29.71 -8.55
N GLY A 278 -17.56 30.71 -9.02
CA GLY A 278 -17.24 31.84 -8.17
C GLY A 278 -16.51 31.38 -6.92
N ASN A 279 -17.21 31.40 -5.80
CA ASN A 279 -16.67 30.87 -4.55
C ASN A 279 -17.14 29.45 -4.25
N SER A 280 -18.20 28.99 -4.91
CA SER A 280 -18.74 27.65 -4.71
C SER A 280 -18.07 26.67 -5.66
N VAL A 281 -18.53 25.42 -5.68
CA VAL A 281 -17.96 24.40 -6.55
C VAL A 281 -19.01 23.33 -6.84
N TRP A 282 -19.12 22.94 -8.11
CA TRP A 282 -19.76 21.69 -8.49
C TRP A 282 -18.72 20.57 -8.37
N ALA A 283 -19.03 19.53 -7.60
CA ALA A 283 -18.10 18.43 -7.40
C ALA A 283 -18.82 17.11 -7.62
N GLY A 284 -18.22 16.24 -8.44
CA GLY A 284 -18.75 14.91 -8.62
C GLY A 284 -18.19 13.92 -7.61
N ARG A 285 -18.93 12.83 -7.40
CA ARG A 285 -18.49 11.77 -6.50
C ARG A 285 -19.41 10.58 -6.66
N THR A 286 -18.88 9.40 -6.37
CA THR A 286 -19.69 8.19 -6.32
C THR A 286 -20.69 8.28 -5.17
N VAL A 287 -21.82 7.59 -5.32
CA VAL A 287 -22.81 7.56 -4.24
C VAL A 287 -22.30 6.71 -3.07
N SER A 288 -21.79 5.52 -3.37
CA SER A 288 -21.24 4.66 -2.32
C SER A 288 -19.93 5.24 -1.80
N ILE A 289 -19.72 5.10 -0.49
CA ILE A 289 -18.49 5.62 0.12
C ILE A 289 -17.33 4.65 0.05
N SER A 290 -17.58 3.35 -0.21
CA SER A 290 -16.54 2.34 -0.17
C SER A 290 -16.23 1.73 -1.54
N SER A 291 -17.08 1.92 -2.53
CA SER A 291 -16.92 1.27 -3.82
C SER A 291 -17.34 2.22 -4.94
N ARG A 292 -17.07 1.80 -6.17
CA ARG A 292 -17.37 2.61 -7.35
C ARG A 292 -18.77 2.26 -7.84
N SER A 293 -19.77 2.81 -7.14
CA SER A 293 -21.17 2.58 -7.44
C SER A 293 -21.92 3.89 -7.39
N GLY A 294 -22.77 4.13 -8.39
CA GLY A 294 -23.59 5.33 -8.43
C GLY A 294 -22.81 6.58 -8.78
N PHE A 295 -23.50 7.67 -9.05
CA PHE A 295 -22.79 8.93 -9.29
C PHE A 295 -23.74 10.11 -9.11
N GLU A 296 -23.21 11.19 -8.55
CA GLU A 296 -23.96 12.40 -8.24
C GLU A 296 -23.04 13.59 -8.35
N ILE A 297 -23.64 14.77 -8.54
CA ILE A 297 -22.90 16.03 -8.62
C ILE A 297 -23.45 16.96 -7.54
N LEU A 298 -22.56 17.52 -6.73
CA LEU A 298 -22.94 18.36 -5.60
C LEU A 298 -22.51 19.80 -5.86
N LEU A 299 -23.44 20.73 -5.65
CA LEU A 299 -23.11 22.16 -5.64
C LEU A 299 -22.91 22.57 -4.19
N ILE A 300 -21.65 22.74 -3.79
CA ILE A 300 -21.30 23.08 -2.41
C ILE A 300 -21.09 24.59 -2.33
N GLU A 301 -21.94 25.26 -1.55
CA GLU A 301 -21.85 26.70 -1.40
C GLU A 301 -20.55 27.09 -0.74
N ASP A 302 -19.84 28.05 -1.33
CA ASP A 302 -18.54 28.53 -0.86
C ASP A 302 -17.50 27.42 -0.75
N GLY A 303 -17.75 26.26 -1.35
CA GLY A 303 -16.90 25.10 -1.15
C GLY A 303 -15.54 25.16 -1.80
N TRP A 304 -15.26 26.23 -2.54
CA TRP A 304 -13.93 26.41 -3.11
C TRP A 304 -13.00 27.22 -2.21
N ILE A 305 -13.54 27.96 -1.25
CA ILE A 305 -12.72 28.84 -0.41
C ILE A 305 -12.86 28.54 1.08
N ARG A 306 -13.81 27.72 1.51
CA ARG A 306 -13.95 27.42 2.93
C ARG A 306 -14.53 26.04 3.10
N THR A 307 -14.46 25.54 4.33
CA THR A 307 -14.81 24.15 4.63
C THR A 307 -16.32 23.99 4.79
N SER A 308 -17.09 24.47 3.82
CA SER A 308 -18.54 24.47 3.95
C SER A 308 -19.12 23.07 3.80
N LYS A 309 -20.19 22.81 4.55
CA LYS A 309 -20.97 21.59 4.46
C LYS A 309 -22.35 21.85 3.87
N THR A 310 -22.58 23.04 3.32
CA THR A 310 -23.87 23.42 2.79
C THR A 310 -23.96 22.96 1.34
N ILE A 311 -24.80 21.95 1.09
CA ILE A 311 -25.07 21.46 -0.25
C ILE A 311 -26.38 22.07 -0.70
N VAL A 312 -26.32 22.99 -1.68
CA VAL A 312 -27.53 23.64 -2.15
C VAL A 312 -28.17 22.92 -3.33
N LYS A 313 -27.45 22.02 -3.99
CA LYS A 313 -28.02 21.24 -5.10
C LYS A 313 -27.33 19.89 -5.18
N LYS A 314 -28.12 18.86 -5.50
CA LYS A 314 -27.59 17.51 -5.66
C LYS A 314 -28.41 16.81 -6.75
N VAL A 315 -27.72 16.32 -7.78
CA VAL A 315 -28.37 15.63 -8.88
C VAL A 315 -27.68 14.28 -9.07
N GLU A 316 -28.45 13.20 -8.98
CA GLU A 316 -27.94 11.86 -9.20
C GLU A 316 -28.12 11.49 -10.67
N VAL A 317 -27.03 11.07 -11.32
CA VAL A 317 -27.07 10.60 -12.70
C VAL A 317 -26.92 9.10 -12.79
N LEU A 318 -26.75 8.41 -11.66
CA LEU A 318 -26.59 6.96 -11.64
C LEU A 318 -26.84 6.49 -10.21
N ASN A 319 -27.80 5.58 -10.02
CA ASN A 319 -28.12 5.16 -8.67
C ASN A 319 -27.06 4.19 -8.13
N ASN A 320 -27.15 3.93 -6.83
CA ASN A 320 -26.19 3.09 -6.12
C ASN A 320 -26.35 1.61 -6.42
N LYS A 321 -27.29 1.23 -7.29
CA LYS A 321 -27.43 -0.16 -7.72
C LYS A 321 -26.60 -0.47 -8.96
N ASN A 322 -25.81 0.49 -9.46
CA ASN A 322 -25.11 0.34 -10.72
C ASN A 322 -23.67 0.82 -10.58
N TRP A 323 -22.78 0.20 -11.37
CA TRP A 323 -21.34 0.44 -11.25
C TRP A 323 -20.94 1.69 -12.04
N SER A 324 -20.26 2.61 -11.34
CA SER A 324 -19.62 3.79 -11.89
C SER A 324 -18.11 3.54 -12.04
N GLY A 325 -17.32 4.60 -12.04
CA GLY A 325 -15.85 4.50 -12.12
C GLY A 325 -15.25 5.86 -12.18
N TYR A 326 -14.34 6.08 -13.13
CA TYR A 326 -13.68 7.39 -13.26
C TYR A 326 -14.65 8.44 -13.80
N SER A 327 -14.28 9.69 -13.59
CA SER A 327 -15.01 10.88 -14.04
C SER A 327 -13.96 11.92 -14.41
N GLY A 328 -14.25 12.77 -15.39
CA GLY A 328 -13.31 13.81 -15.75
C GLY A 328 -14.00 15.00 -16.36
N ALA A 329 -13.27 16.11 -16.38
CA ALA A 329 -13.80 17.42 -16.79
C ALA A 329 -13.28 17.82 -18.17
N PHE A 330 -14.12 18.56 -18.90
CA PHE A 330 -13.73 19.21 -20.14
C PHE A 330 -14.67 20.39 -20.38
N THR A 331 -14.32 21.22 -21.37
CA THR A 331 -15.08 22.42 -21.67
C THR A 331 -15.34 22.53 -23.16
N ILE A 332 -16.50 23.08 -23.51
CA ILE A 332 -16.89 23.35 -24.90
C ILE A 332 -16.39 24.73 -25.32
N PRO A 333 -15.71 24.85 -26.46
CA PRO A 333 -15.25 26.16 -26.92
C PRO A 333 -16.41 27.07 -27.33
N ILE A 334 -16.09 28.37 -27.42
CA ILE A 334 -17.10 29.37 -27.77
C ILE A 334 -17.30 29.55 -29.26
N THR A 335 -16.47 28.95 -30.11
CA THR A 335 -16.61 29.10 -31.56
C THR A 335 -17.79 28.27 -32.06
N MET A 336 -18.59 27.80 -31.10
CA MET A 336 -19.52 26.70 -31.26
C MET A 336 -20.77 26.83 -30.39
N THR A 337 -20.66 27.60 -29.31
CA THR A 337 -21.82 28.02 -28.54
C THR A 337 -22.21 29.45 -28.81
N SER A 338 -21.29 30.25 -29.36
CA SER A 338 -21.47 31.69 -29.57
C SER A 338 -21.85 32.38 -28.26
N LYS A 339 -21.38 31.82 -27.15
CA LYS A 339 -21.51 32.43 -25.84
C LYS A 339 -20.22 33.19 -25.54
N GLN A 340 -20.12 33.71 -24.32
CA GLN A 340 -18.91 34.39 -23.91
C GLN A 340 -18.38 33.85 -22.59
N CYS A 341 -18.88 32.69 -22.15
CA CYS A 341 -18.28 31.87 -21.12
C CYS A 341 -18.01 30.48 -21.70
N LEU A 342 -17.24 29.68 -20.96
CA LEU A 342 -16.90 28.32 -21.38
C LEU A 342 -17.81 27.33 -20.67
N VAL A 343 -18.47 26.48 -21.45
CA VAL A 343 -19.45 25.54 -20.90
C VAL A 343 -18.72 24.39 -20.20
N PRO A 344 -18.98 24.15 -18.92
CA PRO A 344 -18.36 23.01 -18.24
C PRO A 344 -19.14 21.72 -18.49
N CYS A 345 -18.40 20.65 -18.80
CA CYS A 345 -18.98 19.35 -19.04
C CYS A 345 -18.15 18.30 -18.32
N PHE A 346 -18.75 17.13 -18.09
CA PHE A 346 -17.99 16.01 -17.55
C PHE A 346 -18.46 14.71 -18.20
N TRP A 347 -17.57 13.72 -18.19
CA TRP A 347 -17.87 12.38 -18.65
C TRP A 347 -17.84 11.43 -17.46
N LEU A 348 -18.62 10.35 -17.55
CA LEU A 348 -18.67 9.34 -16.51
C LEU A 348 -18.36 7.98 -17.11
N GLU A 349 -17.39 7.28 -16.53
CA GLU A 349 -17.05 5.93 -16.93
C GLU A 349 -17.79 4.94 -16.04
N MET A 350 -18.24 3.83 -16.63
CA MET A 350 -19.02 2.85 -15.90
C MET A 350 -18.41 1.47 -16.13
N ILE A 351 -17.71 0.96 -15.12
CA ILE A 351 -16.86 -0.22 -15.24
C ILE A 351 -17.69 -1.48 -15.04
N ARG A 352 -17.51 -2.45 -15.94
CA ARG A 352 -18.16 -3.75 -15.86
C ARG A 352 -17.11 -4.86 -15.86
N GLY A 353 -17.42 -5.96 -15.19
CA GLY A 353 -16.50 -7.07 -15.08
C GLY A 353 -15.70 -7.05 -13.79
N LYS A 354 -14.47 -7.57 -13.83
CA LYS A 354 -13.63 -7.56 -12.64
C LYS A 354 -13.30 -6.12 -12.25
N PRO A 355 -13.08 -5.85 -10.95
CA PRO A 355 -13.05 -6.81 -9.85
C PRO A 355 -14.41 -7.10 -9.22
N GLU A 356 -15.40 -6.25 -9.49
CA GLU A 356 -16.68 -6.36 -8.79
C GLU A 356 -17.51 -7.54 -9.28
N GLU A 357 -17.36 -7.93 -10.55
CA GLU A 357 -18.13 -9.01 -11.14
C GLU A 357 -17.14 -10.11 -11.56
N ARG A 358 -16.95 -11.10 -10.70
CA ARG A 358 -15.86 -12.06 -10.83
C ARG A 358 -16.20 -13.28 -11.67
N THR A 359 -17.43 -13.39 -12.17
CA THR A 359 -17.74 -14.41 -13.17
C THR A 359 -17.35 -14.01 -14.58
N SER A 360 -16.82 -12.80 -14.79
CA SER A 360 -16.27 -12.39 -16.07
C SER A 360 -14.75 -12.38 -16.00
N ILE A 361 -14.10 -12.79 -17.10
CA ILE A 361 -12.64 -12.83 -17.16
C ILE A 361 -12.03 -11.50 -17.59
N TRP A 362 -12.85 -10.47 -17.81
CA TRP A 362 -12.42 -9.25 -18.47
C TRP A 362 -12.92 -8.04 -17.70
N THR A 363 -12.40 -6.87 -18.08
CA THR A 363 -12.86 -5.60 -17.54
C THR A 363 -12.93 -4.59 -18.67
N SER A 364 -14.05 -3.88 -18.76
CA SER A 364 -14.20 -2.78 -19.72
C SER A 364 -15.14 -1.75 -19.11
N SER A 365 -15.47 -0.74 -19.91
CA SER A 365 -16.39 0.29 -19.43
C SER A 365 -17.04 0.99 -20.61
N SER A 366 -18.20 1.60 -20.32
CA SER A 366 -18.93 2.45 -21.24
C SER A 366 -19.09 3.81 -20.55
N SER A 367 -19.77 4.74 -21.22
CA SER A 367 -19.75 6.10 -20.68
C SER A 367 -21.06 6.84 -20.92
N THR A 368 -21.26 7.87 -20.09
CA THR A 368 -22.26 8.92 -20.30
C THR A 368 -21.56 10.26 -20.17
N VAL A 369 -22.08 11.27 -20.86
CA VAL A 369 -21.47 12.60 -20.89
C VAL A 369 -22.55 13.64 -20.61
N PHE A 370 -22.21 14.64 -19.80
CA PHE A 370 -23.16 15.65 -19.34
C PHE A 370 -22.53 17.03 -19.47
N CYS A 371 -23.36 18.03 -19.75
CA CYS A 371 -22.91 19.41 -19.87
C CYS A 371 -23.82 20.34 -19.05
N GLY A 372 -23.23 21.42 -18.55
CA GLY A 372 -23.96 22.34 -17.70
C GLY A 372 -24.79 23.34 -18.50
N VAL A 373 -25.94 23.70 -17.93
CA VAL A 373 -26.88 24.63 -18.56
C VAL A 373 -27.33 25.66 -17.54
N SER A 374 -28.00 26.70 -18.05
CA SER A 374 -28.40 27.83 -17.21
C SER A 374 -29.38 27.41 -16.12
N SER A 375 -30.28 26.48 -16.44
CA SER A 375 -31.36 26.10 -15.55
C SER A 375 -31.09 24.75 -14.89
N GLU A 376 -31.84 24.47 -13.83
CA GLU A 376 -31.77 23.19 -13.14
C GLU A 376 -32.34 22.09 -14.03
N VAL A 377 -31.75 20.89 -13.94
CA VAL A 377 -32.35 19.78 -14.68
C VAL A 377 -32.45 18.58 -13.73
N PRO A 378 -33.45 17.72 -13.89
CA PRO A 378 -33.53 16.53 -13.04
C PRO A 378 -32.50 15.48 -13.43
N GLY A 379 -32.29 14.54 -12.50
CA GLY A 379 -31.44 13.41 -12.74
C GLY A 379 -32.23 12.14 -13.02
N TRP A 380 -31.49 11.07 -13.26
CA TRP A 380 -32.05 9.75 -13.51
C TRP A 380 -30.89 8.78 -13.34
N SER A 381 -31.03 7.54 -13.78
CA SER A 381 -29.95 6.57 -13.69
C SER A 381 -29.73 5.95 -15.07
N TRP A 382 -28.66 6.40 -15.74
CA TRP A 382 -28.30 5.94 -17.09
C TRP A 382 -27.20 4.89 -16.96
N ASP A 383 -27.60 3.67 -16.64
CA ASP A 383 -26.62 2.64 -16.34
C ASP A 383 -26.06 2.02 -17.63
N ASP A 384 -25.03 1.19 -17.45
CA ASP A 384 -24.33 0.62 -18.60
C ASP A 384 -25.24 -0.25 -19.44
N GLY A 385 -25.96 -1.17 -18.81
CA GLY A 385 -26.99 -1.95 -19.47
C GLY A 385 -26.58 -3.32 -19.95
N ALA A 386 -25.29 -3.64 -20.00
CA ALA A 386 -24.89 -4.95 -20.50
C ALA A 386 -25.28 -6.03 -19.51
N ILE A 387 -25.76 -7.15 -20.05
CA ILE A 387 -26.16 -8.30 -19.25
C ILE A 387 -24.96 -9.24 -19.17
N LEU A 388 -24.43 -9.40 -17.97
CA LEU A 388 -23.27 -10.24 -17.72
C LEU A 388 -23.68 -11.53 -17.04
N PRO A 389 -22.90 -12.61 -17.16
CA PRO A 389 -21.64 -12.72 -17.90
C PRO A 389 -21.84 -12.83 -19.41
N PHE A 390 -20.76 -12.66 -20.18
CA PHE A 390 -20.80 -12.79 -21.62
C PHE A 390 -20.49 -14.23 -22.03
N ASP A 391 -20.53 -14.49 -23.35
CA ASP A 391 -20.28 -15.84 -23.85
C ASP A 391 -18.84 -16.27 -23.59
N ILE A 392 -17.88 -15.35 -23.77
CA ILE A 392 -16.48 -15.68 -23.53
C ILE A 392 -16.24 -16.10 -22.09
N ASP A 393 -17.10 -15.67 -21.16
CA ASP A 393 -16.98 -16.03 -19.76
C ASP A 393 -17.43 -17.45 -19.47
N LYS A 394 -18.11 -18.10 -20.41
CA LYS A 394 -18.48 -19.49 -20.26
C LYS A 394 -17.33 -20.41 -20.65
N PRO B 1 29.80 7.00 10.00
CA PRO B 1 29.69 7.71 11.28
C PRO B 1 28.45 8.60 11.48
N GLU B 2 27.38 8.28 10.74
CA GLU B 2 26.17 9.09 10.74
C GLU B 2 25.01 8.18 11.15
N PHE B 3 23.96 8.78 11.70
CA PHE B 3 22.77 8.00 12.03
C PHE B 3 22.08 7.53 10.75
N LEU B 4 21.41 6.38 10.83
CA LEU B 4 20.69 5.81 9.68
C LEU B 4 19.31 6.45 9.58
N ASN B 5 18.94 7.01 8.41
CA ASN B 5 17.61 7.62 8.35
C ASN B 5 16.51 6.56 8.50
N ASN B 6 16.59 5.48 7.70
CA ASN B 6 15.49 4.52 7.58
C ASN B 6 14.13 5.18 7.54
N THR B 7 13.95 6.21 6.71
CA THR B 7 12.65 6.83 6.52
C THR B 7 12.05 6.49 5.17
N GLU B 8 12.72 5.64 4.40
CA GLU B 8 12.28 5.28 3.06
C GLU B 8 11.05 4.35 3.11
N PRO B 9 10.32 4.24 2.00
CA PRO B 9 9.25 3.23 1.93
C PRO B 9 9.80 1.82 2.00
N LEU B 10 9.00 0.92 2.55
CA LEU B 10 9.31 -0.50 2.47
C LEU B 10 9.12 -0.98 1.03
N CYS B 11 10.05 -1.81 0.56
CA CYS B 11 9.99 -2.25 -0.83
C CYS B 11 8.72 -3.08 -1.08
N ASN B 12 8.16 -2.94 -2.28
CA ASN B 12 7.15 -3.86 -2.74
C ASN B 12 7.84 -5.10 -3.31
N VAL B 13 7.35 -6.29 -2.91
CA VAL B 13 8.07 -7.53 -3.11
C VAL B 13 7.15 -8.60 -3.70
N SER B 14 7.67 -9.33 -4.70
CA SER B 14 6.93 -10.39 -5.36
C SER B 14 7.32 -11.80 -4.90
N GLY B 15 8.40 -11.94 -4.16
CA GLY B 15 8.83 -13.25 -3.71
C GLY B 15 9.90 -13.14 -2.65
N PHE B 16 10.30 -14.29 -2.11
CA PHE B 16 11.35 -14.34 -1.10
C PHE B 16 12.39 -15.38 -1.49
N ALA B 17 13.65 -14.98 -1.48
CA ALA B 17 14.77 -15.84 -1.82
C ALA B 17 15.59 -16.14 -0.57
N ILE B 18 16.03 -17.39 -0.44
CA ILE B 18 16.74 -17.80 0.77
C ILE B 18 18.12 -17.18 0.79
N VAL B 19 18.50 -16.62 1.95
CA VAL B 19 19.76 -15.92 2.11
C VAL B 19 20.78 -16.76 2.88
N SER B 20 20.35 -17.43 3.95
CA SER B 20 21.29 -18.20 4.76
C SER B 20 20.56 -19.35 5.43
N LYS B 21 21.36 -20.29 5.93
CA LYS B 21 20.88 -21.42 6.73
C LYS B 21 22.06 -21.93 7.53
N ASP B 22 21.98 -21.85 8.86
CA ASP B 22 23.17 -22.05 9.68
C ASP B 22 23.47 -23.51 10.00
N ASN B 23 22.54 -24.43 9.76
CA ASN B 23 22.77 -25.87 10.01
C ASN B 23 23.27 -26.12 11.43
N GLY B 24 22.79 -25.33 12.39
CA GLY B 24 23.41 -25.30 13.70
C GLY B 24 23.35 -26.63 14.43
N ILE B 25 22.19 -27.27 14.42
CA ILE B 25 22.03 -28.50 15.21
C ILE B 25 22.81 -29.65 14.59
N ARG B 26 22.79 -29.76 13.26
CA ARG B 26 23.59 -30.79 12.59
C ARG B 26 25.07 -30.65 12.93
N ILE B 27 25.57 -29.42 12.92
CA ILE B 27 26.95 -29.18 13.31
C ILE B 27 27.16 -29.52 14.79
N GLY B 28 26.22 -29.12 15.64
CA GLY B 28 26.31 -29.33 17.07
C GLY B 28 26.20 -30.78 17.51
N SER B 29 25.94 -31.70 16.58
CA SER B 29 26.00 -33.11 16.91
C SER B 29 27.39 -33.53 17.36
N ARG B 30 28.42 -32.89 16.80
CA ARG B 30 29.81 -33.14 17.17
C ARG B 30 30.54 -31.89 17.62
N GLY B 31 30.27 -30.75 17.00
CA GLY B 31 30.90 -29.50 17.39
C GLY B 31 30.28 -28.94 18.66
N HIS B 32 30.84 -27.81 19.09
CA HIS B 32 30.40 -27.15 20.32
C HIS B 32 29.49 -25.98 19.94
N VAL B 33 28.19 -26.23 19.97
CA VAL B 33 27.18 -25.26 19.54
C VAL B 33 26.19 -25.07 20.67
N PHE B 34 25.86 -23.82 20.97
CA PHE B 34 24.95 -23.51 22.07
C PHE B 34 23.56 -24.06 21.80
N VAL B 35 22.88 -24.44 22.88
CA VAL B 35 21.47 -24.77 22.84
C VAL B 35 20.69 -23.46 22.92
N ILE B 36 19.85 -23.20 21.90
CA ILE B 36 19.31 -21.87 21.68
C ILE B 36 17.81 -21.89 21.48
N ARG B 37 17.25 -20.72 21.55
CA ARG B 37 15.87 -20.47 21.16
C ARG B 37 15.92 -19.10 20.52
N GLU B 38 14.96 -18.91 19.64
CA GLU B 38 14.70 -17.66 18.93
C GLU B 38 15.93 -17.02 18.34
N PRO B 39 16.56 -17.46 17.07
CA PRO B 39 17.68 -16.89 16.29
C PRO B 39 17.22 -15.75 15.38
N PHE B 40 17.07 -14.55 15.97
CA PHE B 40 16.56 -13.41 15.22
C PHE B 40 17.71 -12.60 14.63
N VAL B 41 17.41 -11.88 13.55
CA VAL B 41 18.41 -11.25 12.69
C VAL B 41 18.20 -9.74 12.72
N ALA B 42 19.31 -9.00 12.81
CA ALA B 42 19.30 -7.55 12.78
C ALA B 42 20.47 -7.07 11.96
N CYS B 43 20.29 -5.95 11.26
CA CYS B 43 21.26 -5.48 10.27
C CYS B 43 21.73 -4.08 10.61
N GLY B 44 23.05 -3.91 10.69
CA GLY B 44 23.66 -2.61 10.77
C GLY B 44 24.01 -2.08 9.40
N PRO B 45 24.83 -1.01 9.34
CA PRO B 45 25.22 -0.44 8.05
C PRO B 45 26.40 -1.14 7.37
N THR B 46 26.98 -2.21 7.95
CA THR B 46 27.93 -3.06 7.21
C THR B 46 27.61 -4.56 7.25
N GLU B 47 26.84 -5.03 8.22
CA GLU B 47 26.56 -6.47 8.16
C GLU B 47 25.26 -6.76 8.89
N CYS B 48 24.80 -7.98 8.70
CA CYS B 48 23.64 -8.55 9.38
C CYS B 48 24.12 -9.65 10.30
N ARG B 49 23.53 -9.73 11.49
CA ARG B 49 23.95 -10.70 12.50
C ARG B 49 22.75 -11.47 12.99
N THR B 50 22.97 -12.73 13.37
CA THR B 50 21.96 -13.56 14.02
C THR B 50 22.16 -13.47 15.53
N PHE B 51 21.20 -12.86 16.22
CA PHE B 51 21.16 -12.87 17.67
C PHE B 51 20.36 -14.08 18.14
N PHE B 52 20.64 -14.51 19.36
CA PHE B 52 19.94 -15.68 19.89
C PHE B 52 20.03 -15.68 21.41
N LEU B 53 19.12 -16.42 22.03
CA LEU B 53 19.11 -16.63 23.46
C LEU B 53 19.62 -18.03 23.78
N THR B 54 20.38 -18.13 24.87
CA THR B 54 20.94 -19.40 25.33
C THR B 54 21.22 -19.26 26.82
N GLN B 55 21.17 -20.38 27.52
CA GLN B 55 21.53 -20.37 28.94
C GLN B 55 22.75 -21.24 29.20
N GLY B 56 23.76 -21.11 28.33
CA GLY B 56 25.10 -21.57 28.62
C GLY B 56 25.36 -23.04 28.38
N ALA B 57 24.39 -23.78 27.84
CA ALA B 57 24.54 -25.21 27.61
C ALA B 57 24.78 -25.49 26.13
N LEU B 58 25.66 -26.45 25.86
CA LEU B 58 25.97 -26.89 24.50
C LEU B 58 25.18 -28.15 24.17
N LEU B 59 25.00 -28.38 22.87
CA LEU B 59 24.32 -29.58 22.41
C LEU B 59 25.11 -30.82 22.79
N ASN B 60 24.39 -31.91 23.10
CA ASN B 60 24.95 -33.18 23.54
C ASN B 60 25.70 -33.09 24.86
N ASP B 61 25.43 -32.08 25.67
CA ASP B 61 25.99 -31.99 27.02
C ASP B 61 24.87 -32.11 28.04
N LYS B 62 25.20 -32.66 29.21
CA LYS B 62 24.20 -32.93 30.22
C LYS B 62 23.51 -31.66 30.72
N HIS B 63 24.12 -30.49 30.53
CA HIS B 63 23.51 -29.24 30.94
C HIS B 63 22.41 -28.78 30.00
N SER B 64 22.27 -29.43 28.84
CA SER B 64 21.15 -29.19 27.94
C SER B 64 19.88 -29.91 28.39
N ASN B 65 19.98 -30.76 29.41
CA ASN B 65 18.82 -31.40 30.01
C ASN B 65 17.76 -30.35 30.31
N ASN B 66 16.54 -30.60 29.85
CA ASN B 66 15.49 -29.60 30.03
C ASN B 66 15.21 -29.44 31.51
N THR B 67 15.69 -28.35 32.08
CA THR B 67 15.39 -28.13 33.51
C THR B 67 13.95 -27.63 33.51
N VAL B 68 13.08 -28.23 34.30
CA VAL B 68 11.74 -27.59 34.28
C VAL B 68 11.87 -26.37 35.19
N LYS B 69 12.82 -25.47 34.85
CA LYS B 69 13.05 -24.22 35.61
C LYS B 69 13.06 -23.23 34.45
N ASP B 70 11.87 -22.73 34.20
CA ASP B 70 11.57 -21.98 32.98
C ASP B 70 12.50 -20.80 32.69
N ARG B 71 12.44 -19.79 33.55
CA ARG B 71 13.19 -18.55 33.34
C ARG B 71 14.42 -18.57 34.24
N SER B 72 15.59 -18.55 33.64
CA SER B 72 16.81 -18.86 34.35
C SER B 72 17.76 -17.68 34.41
N PRO B 73 18.53 -17.56 35.49
CA PRO B 73 19.61 -16.56 35.53
C PRO B 73 20.76 -16.89 34.60
N TYR B 74 20.84 -18.11 34.07
CA TYR B 74 21.93 -18.51 33.18
C TYR B 74 21.73 -18.01 31.76
N ARG B 75 20.56 -17.48 31.42
CA ARG B 75 20.24 -17.17 30.04
C ARG B 75 20.79 -15.81 29.63
N ALA B 76 21.37 -15.76 28.43
CA ALA B 76 22.04 -14.57 27.93
C ALA B 76 21.75 -14.40 26.44
N LEU B 77 21.90 -13.17 25.97
CA LEU B 77 21.80 -12.84 24.55
C LEU B 77 23.20 -12.80 23.94
N MET B 78 23.35 -13.48 22.79
CA MET B 78 24.61 -13.53 22.07
C MET B 78 24.34 -13.33 20.58
N SER B 79 25.40 -13.27 19.78
CA SER B 79 25.23 -13.02 18.36
C SER B 79 26.39 -13.62 17.57
N VAL B 80 26.10 -13.98 16.31
CA VAL B 80 27.10 -14.45 15.35
C VAL B 80 26.78 -13.84 13.99
N PRO B 81 27.75 -13.86 13.07
CA PRO B 81 27.45 -13.39 11.71
C PRO B 81 26.35 -14.21 11.06
N LEU B 82 25.62 -13.56 10.16
CA LEU B 82 24.50 -14.21 9.48
C LEU B 82 24.98 -15.47 8.76
N GLY B 83 24.29 -16.58 9.01
CA GLY B 83 24.63 -17.86 8.41
C GLY B 83 25.54 -18.74 9.24
N SER B 84 26.24 -18.16 10.21
CA SER B 84 27.13 -18.94 11.06
C SER B 84 26.35 -19.70 12.12
N SER B 85 26.86 -20.88 12.47
CA SER B 85 26.28 -21.63 13.57
C SER B 85 26.56 -20.91 14.89
N PRO B 86 25.65 -20.99 15.85
CA PRO B 86 25.86 -20.34 17.17
C PRO B 86 26.83 -21.12 18.04
N ASN B 87 28.08 -21.23 17.59
CA ASN B 87 29.07 -22.05 18.29
C ASN B 87 29.71 -21.26 19.43
N ALA B 88 30.43 -21.99 20.29
CA ALA B 88 30.94 -21.42 21.52
C ALA B 88 32.12 -20.48 21.32
N TYR B 89 32.78 -20.54 20.17
CA TYR B 89 34.01 -19.80 19.94
C TYR B 89 33.84 -18.63 18.99
N GLN B 90 32.69 -18.51 18.33
CA GLN B 90 32.50 -17.30 17.51
C GLN B 90 31.42 -16.42 18.16
N ALA B 91 30.61 -16.95 19.06
CA ALA B 91 29.54 -16.15 19.62
C ALA B 91 30.08 -14.96 20.40
N LYS B 92 29.42 -13.82 20.24
CA LYS B 92 29.78 -12.59 20.93
C LYS B 92 28.72 -12.29 21.99
N PHE B 93 29.17 -12.02 23.21
CA PHE B 93 28.23 -11.73 24.28
C PHE B 93 27.64 -10.33 24.11
N GLU B 94 26.33 -10.22 24.27
CA GLU B 94 25.62 -8.95 24.13
C GLU B 94 24.98 -8.49 25.44
N SER B 95 24.29 -9.38 26.16
CA SER B 95 23.61 -8.97 27.39
C SER B 95 23.15 -10.21 28.16
N VAL B 96 22.96 -10.03 29.46
CA VAL B 96 22.21 -11.00 30.25
C VAL B 96 20.72 -10.82 29.93
N ALA B 97 20.06 -11.92 29.56
CA ALA B 97 18.68 -11.79 29.12
C ALA B 97 18.01 -13.15 29.06
N TRP B 98 16.77 -13.22 29.55
CA TRP B 98 15.84 -14.26 29.14
C TRP B 98 14.74 -13.73 28.24
N SER B 99 14.79 -12.45 27.89
CA SER B 99 13.93 -11.83 26.90
C SER B 99 14.66 -10.59 26.38
N ALA B 100 14.66 -10.40 25.06
CA ALA B 100 15.58 -9.41 24.50
C ALA B 100 15.13 -8.92 23.13
N THR B 101 15.67 -7.77 22.74
CA THR B 101 15.56 -7.22 21.39
C THR B 101 16.84 -6.46 21.08
N ALA B 102 17.13 -6.26 19.80
CA ALA B 102 18.38 -5.64 19.40
C ALA B 102 18.26 -5.02 18.02
N CYS B 103 19.01 -3.95 17.80
CA CYS B 103 19.02 -3.24 16.51
C CYS B 103 20.24 -2.32 16.48
N HIS B 104 20.44 -1.68 15.31
CA HIS B 104 21.59 -0.84 15.03
C HIS B 104 21.10 0.48 14.46
N ASP B 105 21.59 1.60 15.01
CA ASP B 105 21.12 2.92 14.63
C ASP B 105 22.00 3.62 13.59
N GLY B 106 23.02 2.92 13.07
CA GLY B 106 23.95 3.48 12.11
C GLY B 106 25.33 3.77 12.69
N LYS B 107 25.39 4.05 14.00
CA LYS B 107 26.67 4.24 14.69
C LYS B 107 27.03 3.06 15.57
N LYS B 108 26.07 2.50 16.30
CA LYS B 108 26.38 1.49 17.30
C LYS B 108 25.26 0.45 17.38
N TRP B 109 25.61 -0.70 17.93
CA TRP B 109 24.64 -1.76 18.21
C TRP B 109 23.91 -1.46 19.51
N LEU B 110 22.60 -1.62 19.50
CA LEU B 110 21.75 -1.47 20.67
C LEU B 110 21.16 -2.82 21.04
N ALA B 111 21.36 -3.25 22.28
CA ALA B 111 20.79 -4.50 22.78
C ALA B 111 20.07 -4.23 24.09
N VAL B 112 18.81 -4.67 24.16
CA VAL B 112 17.99 -4.57 25.37
C VAL B 112 17.83 -5.96 25.93
N GLY B 113 18.32 -6.18 27.14
CA GLY B 113 18.26 -7.49 27.76
C GLY B 113 17.55 -7.50 29.10
N ILE B 114 16.51 -8.30 29.24
CA ILE B 114 15.68 -8.34 30.44
C ILE B 114 16.06 -9.54 31.27
N SER B 115 16.30 -9.31 32.56
CA SER B 115 16.61 -10.39 33.49
C SER B 115 16.05 -10.02 34.86
N GLY B 116 16.24 -10.92 35.82
CA GLY B 116 15.73 -10.73 37.17
C GLY B 116 14.53 -11.62 37.44
N ALA B 117 14.05 -11.52 38.68
CA ALA B 117 12.91 -12.31 39.11
C ALA B 117 11.65 -11.87 38.37
N ASP B 118 10.67 -12.78 38.34
CA ASP B 118 9.43 -12.50 37.60
C ASP B 118 8.72 -11.27 38.14
N ASP B 119 8.69 -11.11 39.47
CA ASP B 119 7.96 -10.00 40.04
C ASP B 119 8.76 -8.70 40.10
N ASP B 120 10.06 -8.71 39.82
CA ASP B 120 10.80 -7.46 39.74
C ASP B 120 11.89 -7.50 38.66
N ALA B 121 11.57 -7.99 37.48
CA ALA B 121 12.55 -8.01 36.40
C ALA B 121 12.87 -6.59 35.94
N TYR B 122 14.04 -6.43 35.32
CA TYR B 122 14.44 -5.16 34.72
C TYR B 122 15.27 -5.43 33.48
N ALA B 123 15.30 -4.45 32.59
CA ALA B 123 16.06 -4.53 31.35
C ALA B 123 17.30 -3.64 31.44
N VAL B 124 18.43 -4.16 30.96
CA VAL B 124 19.67 -3.39 30.85
C VAL B 124 19.89 -3.07 29.39
N ILE B 125 20.06 -1.79 29.09
CA ILE B 125 20.26 -1.33 27.72
C ILE B 125 21.76 -1.27 27.44
N HIS B 126 22.21 -2.05 26.47
CA HIS B 126 23.61 -2.07 26.05
C HIS B 126 23.74 -1.32 24.73
N TYR B 127 24.51 -0.24 24.75
CA TYR B 127 24.72 0.62 23.58
C TYR B 127 26.21 0.68 23.31
N GLY B 128 26.65 0.04 22.23
CA GLY B 128 28.07 -0.11 21.98
C GLY B 128 28.79 -0.98 22.98
N GLY B 129 28.09 -2.00 23.52
CA GLY B 129 28.63 -2.90 24.50
C GLY B 129 28.54 -2.40 25.93
N MET B 130 27.88 -1.23 26.15
CA MET B 130 27.84 -0.47 27.36
C MET B 130 26.49 -0.41 28.06
N PRO B 131 26.47 -0.68 29.39
CA PRO B 131 25.25 -0.42 30.15
C PRO B 131 25.00 1.08 30.18
N THR B 132 23.94 1.51 29.51
CA THR B 132 23.61 2.92 29.42
C THR B 132 22.35 3.30 30.17
N ASP B 133 21.41 2.37 30.37
CA ASP B 133 20.15 2.69 31.02
C ASP B 133 19.52 1.39 31.52
N VAL B 134 18.53 1.53 32.40
CA VAL B 134 17.73 0.38 32.84
C VAL B 134 16.26 0.74 32.68
N VAL B 135 15.46 -0.27 32.36
CA VAL B 135 14.00 -0.15 32.31
C VAL B 135 13.42 -1.14 33.30
N ARG B 136 12.57 -0.64 34.20
CA ARG B 136 12.03 -1.46 35.28
C ARG B 136 10.64 -1.96 34.93
N SER B 137 10.25 -3.07 35.57
CA SER B 137 8.92 -3.61 35.43
C SER B 137 7.91 -2.66 36.07
N TRP B 138 6.81 -2.39 35.38
CA TRP B 138 5.80 -1.47 35.90
C TRP B 138 4.52 -2.18 36.37
N ARG B 139 4.39 -3.48 36.13
CA ARG B 139 3.29 -4.25 36.66
C ARG B 139 3.76 -5.48 37.43
N LYS B 140 5.07 -5.66 37.60
CA LYS B 140 5.64 -6.76 38.39
C LYS B 140 5.18 -8.13 37.87
N GLN B 141 4.89 -8.27 36.58
CA GLN B 141 4.52 -9.64 36.13
C GLN B 141 5.19 -10.02 34.80
N ILE B 142 6.37 -10.63 34.88
CA ILE B 142 7.22 -11.08 33.74
C ILE B 142 7.35 -10.01 32.65
N LEU B 143 8.27 -9.10 32.85
CA LEU B 143 8.56 -8.02 31.91
C LEU B 143 9.29 -8.60 30.70
N ARG B 144 8.79 -8.33 29.50
CA ARG B 144 9.27 -9.02 28.31
C ARG B 144 9.16 -8.12 27.09
N THR B 145 9.76 -8.55 25.99
CA THR B 145 9.83 -7.73 24.78
C THR B 145 9.88 -8.63 23.55
N GLN B 146 10.37 -8.07 22.44
CA GLN B 146 9.98 -8.51 21.09
C GLN B 146 10.53 -9.87 20.72
N GLU B 147 11.81 -10.07 21.07
CA GLU B 147 12.66 -11.27 20.83
C GLU B 147 13.19 -11.27 19.38
N SER B 148 12.86 -10.19 18.65
CA SER B 148 13.29 -9.91 17.28
C SER B 148 13.92 -8.51 17.26
N SER B 149 14.25 -8.03 16.06
CA SER B 149 14.97 -6.77 15.92
C SER B 149 14.09 -5.57 16.25
N CYS B 150 14.66 -4.60 16.97
CA CYS B 150 14.01 -3.32 17.14
C CYS B 150 14.23 -2.44 15.91
N VAL B 151 13.78 -1.20 15.97
CA VAL B 151 13.73 -0.32 14.81
C VAL B 151 14.37 1.02 15.17
N CYS B 152 15.35 1.44 14.37
CA CYS B 152 16.03 2.72 14.56
C CYS B 152 15.81 3.60 13.35
N MET B 153 15.36 4.84 13.59
CA MET B 153 15.20 5.83 12.53
C MET B 153 15.67 7.19 13.03
N ASN B 154 16.48 7.87 12.22
CA ASN B 154 16.94 9.23 12.51
C ASN B 154 17.64 9.32 13.87
N GLY B 155 18.33 8.26 14.27
CA GLY B 155 19.05 8.25 15.53
C GLY B 155 18.24 7.85 16.75
N ASN B 156 16.98 7.49 16.57
CA ASN B 156 16.13 7.04 17.67
C ASN B 156 15.71 5.60 17.40
N CYS B 157 15.71 4.77 18.45
CA CYS B 157 15.39 3.36 18.34
C CYS B 157 14.17 3.04 19.19
N TYR B 158 13.29 2.19 18.64
CA TYR B 158 11.97 1.92 19.21
C TYR B 158 11.77 0.43 19.40
N TRP B 159 11.02 0.06 20.44
CA TRP B 159 10.63 -1.33 20.67
C TRP B 159 9.40 -1.37 21.56
N VAL B 160 8.79 -2.55 21.63
CA VAL B 160 7.52 -2.77 22.31
C VAL B 160 7.74 -3.78 23.43
N MET B 161 7.17 -3.47 24.60
CA MET B 161 7.30 -4.31 25.79
C MET B 161 5.94 -4.63 26.37
N THR B 162 5.83 -5.79 27.01
CA THR B 162 4.62 -6.23 27.68
C THR B 162 4.93 -6.58 29.13
N ASP B 163 4.01 -6.22 30.03
CA ASP B 163 4.13 -6.48 31.46
C ASP B 163 2.76 -6.89 31.95
N GLY B 164 2.59 -8.16 32.34
CA GLY B 164 1.31 -8.66 32.76
C GLY B 164 1.12 -10.15 32.47
N PRO B 165 -0.10 -10.65 32.71
CA PRO B 165 -0.35 -12.08 32.46
C PRO B 165 -0.12 -12.46 31.01
N ALA B 166 0.44 -13.64 30.80
CA ALA B 166 0.68 -14.18 29.47
C ALA B 166 -0.54 -14.88 28.89
N ASN B 167 -1.62 -14.99 29.65
CA ASN B 167 -2.82 -15.69 29.21
C ASN B 167 -4.09 -14.88 29.45
N SER B 168 -3.97 -13.58 29.72
CA SER B 168 -5.14 -12.71 29.86
C SER B 168 -4.67 -11.26 29.71
N GLN B 169 -5.57 -10.34 30.05
CA GLN B 169 -5.34 -8.90 29.90
C GLN B 169 -3.99 -8.49 30.49
N ALA B 170 -3.23 -7.71 29.72
CA ALA B 170 -1.91 -7.25 30.16
C ALA B 170 -1.73 -5.79 29.72
N SER B 171 -0.54 -5.25 29.99
CA SER B 171 -0.21 -3.86 29.65
C SER B 171 0.88 -3.83 28.59
N TYR B 172 0.78 -2.89 27.66
CA TYR B 172 1.62 -2.82 26.48
C TYR B 172 2.16 -1.41 26.31
N LYS B 173 3.47 -1.28 26.13
CA LYS B 173 4.13 0.03 26.08
C LYS B 173 5.10 0.11 24.91
N ILE B 174 5.13 1.28 24.27
CA ILE B 174 6.11 1.61 23.23
C ILE B 174 7.21 2.45 23.86
N PHE B 175 8.46 2.14 23.53
CA PHE B 175 9.61 2.82 24.10
C PHE B 175 10.43 3.49 23.00
N LYS B 176 10.94 4.69 23.30
CA LYS B 176 11.77 5.46 22.38
C LYS B 176 13.06 5.83 23.08
N SER B 177 14.18 5.72 22.36
CA SER B 177 15.49 5.94 22.95
C SER B 177 16.37 6.73 21.99
N HIS B 178 17.47 7.25 22.54
CA HIS B 178 18.49 7.94 21.74
C HIS B 178 19.83 7.70 22.42
N GLU B 179 20.77 7.11 21.68
CA GLU B 179 22.09 6.77 22.21
C GLU B 179 22.00 5.91 23.47
N GLY B 180 21.07 4.96 23.46
CA GLY B 180 20.96 3.98 24.52
C GLY B 180 20.16 4.38 25.73
N MET B 181 19.47 5.53 25.70
CA MET B 181 18.72 5.99 26.85
C MET B 181 17.28 6.29 26.49
N VAL B 182 16.35 5.78 27.32
CA VAL B 182 14.93 6.01 27.07
C VAL B 182 14.63 7.49 27.17
N THR B 183 13.94 8.02 26.17
CA THR B 183 13.56 9.42 26.13
C THR B 183 12.06 9.65 26.12
N ASN B 184 11.26 8.60 25.93
CA ASN B 184 9.81 8.70 25.91
C ASN B 184 9.23 7.30 25.96
N GLU B 185 7.98 7.21 26.42
CA GLU B 185 7.23 5.97 26.36
C GLU B 185 5.76 6.30 26.22
N ARG B 186 4.98 5.30 25.79
CA ARG B 186 3.55 5.46 25.59
C ARG B 186 2.88 4.12 25.82
N GLU B 187 1.84 4.11 26.66
CA GLU B 187 1.08 2.89 26.90
C GLU B 187 0.00 2.73 25.83
N VAL B 188 -0.04 1.55 25.23
CA VAL B 188 -1.02 1.26 24.17
C VAL B 188 -2.29 0.74 24.82
N SER B 189 -3.39 1.46 24.63
CA SER B 189 -4.68 1.09 25.20
C SER B 189 -5.33 0.04 24.31
N PHE B 190 -5.33 -1.21 24.75
CA PHE B 190 -5.76 -2.36 23.93
C PHE B 190 -6.61 -3.33 24.76
N GLN B 191 -7.60 -2.80 25.47
CA GLN B 191 -8.51 -3.65 26.24
C GLN B 191 -9.38 -4.56 25.39
N GLY B 192 -9.38 -5.85 25.77
CA GLY B 192 -9.89 -6.94 24.97
C GLY B 192 -8.81 -7.70 24.21
N GLY B 193 -7.66 -7.07 23.98
CA GLY B 193 -6.61 -7.64 23.16
C GLY B 193 -5.36 -8.00 23.95
N HIS B 194 -4.40 -8.57 23.23
CA HIS B 194 -3.20 -9.11 23.84
C HIS B 194 -2.03 -9.01 22.87
N ILE B 195 -0.92 -8.46 23.34
CA ILE B 195 0.26 -8.20 22.52
C ILE B 195 1.46 -8.90 23.14
N GLU B 196 2.11 -9.76 22.36
CA GLU B 196 3.33 -10.43 22.77
C GLU B 196 4.28 -10.53 21.57
N GLU B 197 5.58 -10.45 21.86
CA GLU B 197 6.70 -10.69 20.93
C GLU B 197 6.44 -10.11 19.55
N CYS B 198 6.37 -8.80 19.46
CA CYS B 198 6.07 -8.12 18.21
C CYS B 198 7.23 -8.20 17.23
N SER B 199 6.90 -8.40 15.96
CA SER B 199 7.86 -8.29 14.87
C SER B 199 7.64 -6.93 14.19
N CYS B 200 8.67 -6.08 14.25
CA CYS B 200 8.53 -4.69 13.82
C CYS B 200 9.55 -4.35 12.74
N TYR B 201 9.14 -3.48 11.84
CA TYR B 201 9.97 -3.02 10.73
C TYR B 201 9.63 -1.53 10.47
N PRO B 202 10.58 -0.80 9.89
CA PRO B 202 10.26 0.58 9.46
C PRO B 202 9.55 0.61 8.12
N ASN B 203 8.70 1.63 7.96
CA ASN B 203 7.95 1.82 6.71
C ASN B 203 7.48 3.27 6.66
N LEU B 204 8.03 4.05 5.71
CA LEU B 204 7.69 5.47 5.57
C LEU B 204 7.94 6.28 6.84
N GLY B 205 9.01 5.94 7.55
CA GLY B 205 9.29 6.68 8.76
C GLY B 205 8.34 6.41 9.91
N LYS B 206 7.68 5.27 9.90
CA LYS B 206 6.87 4.80 11.02
C LYS B 206 7.29 3.37 11.35
N VAL B 207 6.94 2.92 12.55
CA VAL B 207 7.16 1.53 12.94
C VAL B 207 5.85 0.77 12.75
N GLU B 208 5.90 -0.33 12.00
CA GLU B 208 4.76 -1.20 11.83
C GLU B 208 5.09 -2.56 12.43
N CYS B 209 4.21 -3.05 13.30
CA CYS B 209 4.47 -4.26 14.06
C CYS B 209 3.34 -5.27 13.83
N VAL B 210 3.73 -6.53 13.67
CA VAL B 210 2.80 -7.65 13.68
C VAL B 210 3.16 -8.51 14.88
N CYS B 211 2.19 -8.73 15.77
CA CYS B 211 2.46 -9.25 17.10
C CYS B 211 1.77 -10.60 17.29
N ARG B 212 1.81 -11.10 18.52
CA ARG B 212 1.23 -12.41 18.87
C ARG B 212 0.20 -12.27 20.00
N ASP B 213 -1.06 -12.59 19.74
CA ASP B 213 -2.12 -12.60 20.75
C ASP B 213 -2.08 -13.95 21.46
N ASN B 214 -1.67 -13.93 22.73
CA ASN B 214 -1.58 -15.14 23.54
C ASN B 214 -2.80 -15.37 24.41
N TRP B 215 -3.91 -14.67 24.13
CA TRP B 215 -5.09 -14.76 24.99
C TRP B 215 -6.34 -15.26 24.27
N ASN B 216 -6.90 -14.48 23.34
CA ASN B 216 -8.20 -14.76 22.76
C ASN B 216 -8.20 -14.66 21.25
N GLY B 217 -7.03 -14.53 20.63
CA GLY B 217 -6.99 -14.32 19.20
C GLY B 217 -6.09 -15.28 18.46
N MET B 218 -6.64 -15.94 17.44
CA MET B 218 -5.82 -16.62 16.45
C MET B 218 -5.44 -15.69 15.29
N ASN B 219 -5.96 -14.47 15.28
CA ASN B 219 -5.46 -13.44 14.38
C ASN B 219 -4.41 -12.61 15.09
N ARG B 220 -3.56 -11.99 14.31
CA ARG B 220 -2.41 -11.31 14.89
C ARG B 220 -2.72 -9.84 15.13
N PRO B 221 -2.37 -9.30 16.29
CA PRO B 221 -2.46 -7.86 16.48
C PRO B 221 -1.49 -7.13 15.57
N ILE B 222 -1.85 -5.92 15.18
CA ILE B 222 -0.94 -5.03 14.46
C ILE B 222 -0.86 -3.71 15.22
N LEU B 223 0.32 -3.09 15.20
CA LEU B 223 0.55 -1.85 15.92
C LEU B 223 1.42 -0.95 15.05
N ILE B 224 1.00 0.30 14.91
CA ILE B 224 1.69 1.29 14.07
C ILE B 224 1.87 2.55 14.89
N PHE B 225 3.12 3.03 14.99
CA PHE B 225 3.38 4.26 15.73
C PHE B 225 4.45 5.09 15.01
N ASP B 226 4.47 6.38 15.35
CA ASP B 226 5.35 7.37 14.75
C ASP B 226 6.36 7.87 15.79
N GLU B 227 7.17 8.86 15.37
CA GLU B 227 8.16 9.45 16.27
C GLU B 227 7.59 9.99 17.58
N ASP B 228 6.41 10.62 17.56
CA ASP B 228 5.87 11.15 18.81
C ASP B 228 5.11 10.10 19.61
N LEU B 229 5.19 8.84 19.18
CA LEU B 229 4.55 7.68 19.81
C LEU B 229 3.03 7.73 19.72
N ASP B 230 2.48 8.59 18.88
CA ASP B 230 1.08 8.44 18.49
C ASP B 230 0.94 7.12 17.74
N TYR B 231 -0.10 6.35 18.08
CA TYR B 231 -0.18 4.97 17.63
C TYR B 231 -1.58 4.65 17.11
N GLU B 232 -1.66 3.47 16.51
CA GLU B 232 -2.92 2.91 16.03
C GLU B 232 -2.82 1.41 16.21
N VAL B 233 -3.82 0.80 16.84
CA VAL B 233 -3.74 -0.59 17.26
C VAL B 233 -5.02 -1.32 16.88
N GLY B 234 -4.87 -2.59 16.50
CA GLY B 234 -5.98 -3.44 16.13
C GLY B 234 -5.49 -4.83 15.77
N TYR B 235 -6.17 -5.51 14.86
CA TYR B 235 -5.78 -6.83 14.40
C TYR B 235 -5.63 -6.83 12.88
N LEU B 236 -4.88 -7.81 12.37
CA LEU B 236 -4.73 -7.95 10.93
C LEU B 236 -6.09 -8.30 10.31
N CYS B 237 -6.59 -7.39 9.46
CA CYS B 237 -7.96 -7.49 8.97
C CYS B 237 -8.24 -8.79 8.23
N ALA B 238 -7.23 -9.32 7.53
CA ALA B 238 -7.44 -10.41 6.58
C ALA B 238 -8.27 -11.54 7.18
N GLY B 239 -9.13 -12.12 6.34
CA GLY B 239 -9.96 -13.25 6.76
C GLY B 239 -9.17 -14.54 6.80
N ILE B 240 -7.86 -14.42 6.97
CA ILE B 240 -6.94 -15.55 7.02
C ILE B 240 -6.24 -15.52 8.37
N PRO B 241 -6.43 -16.52 9.24
CA PRO B 241 -5.70 -16.55 10.51
C PRO B 241 -4.28 -17.06 10.32
N THR B 242 -3.33 -16.36 10.94
CA THR B 242 -1.91 -16.68 10.75
C THR B 242 -1.19 -17.06 12.03
N ASP B 243 -1.87 -17.07 13.18
CA ASP B 243 -1.28 -17.53 14.42
C ASP B 243 -1.40 -19.05 14.53
N THR B 244 -0.66 -19.63 15.47
CA THR B 244 -0.78 -21.06 15.75
C THR B 244 -0.96 -21.22 17.26
N PRO B 245 -2.01 -21.94 17.71
CA PRO B 245 -3.01 -22.67 16.93
C PRO B 245 -4.10 -21.79 16.31
N ARG B 246 -4.74 -22.31 15.26
CA ARG B 246 -5.84 -21.61 14.59
C ARG B 246 -6.85 -22.67 14.15
N VAL B 247 -7.85 -22.21 13.40
CA VAL B 247 -8.76 -23.10 12.68
C VAL B 247 -8.47 -22.94 11.18
N GLN B 248 -9.09 -23.81 10.39
CA GLN B 248 -8.96 -23.70 8.94
C GLN B 248 -9.57 -22.39 8.47
N ASP B 249 -9.11 -21.93 7.30
CA ASP B 249 -9.49 -20.61 6.80
C ASP B 249 -11.01 -20.49 6.64
N SER B 250 -11.65 -21.55 6.15
CA SER B 250 -13.09 -21.50 5.89
C SER B 250 -13.88 -21.26 7.17
N SER B 251 -13.46 -21.89 8.27
CA SER B 251 -14.15 -21.74 9.55
C SER B 251 -13.81 -20.44 10.27
N PHE B 252 -13.08 -19.54 9.63
CA PHE B 252 -12.60 -18.31 10.24
C PHE B 252 -13.25 -17.10 9.58
N THR B 253 -13.63 -16.12 10.40
CA THR B 253 -14.16 -14.84 9.94
C THR B 253 -13.29 -13.74 10.53
N GLY B 254 -12.87 -12.79 9.68
CA GLY B 254 -11.88 -11.81 10.08
C GLY B 254 -12.45 -10.58 10.77
N SER B 255 -11.55 -9.79 11.35
CA SER B 255 -11.92 -8.56 12.03
C SER B 255 -10.71 -7.63 12.08
N CYS B 256 -10.95 -6.34 11.83
CA CYS B 256 -9.93 -5.32 11.99
C CYS B 256 -9.80 -4.84 13.44
N THR B 257 -10.67 -5.31 14.33
CA THR B 257 -10.78 -4.74 15.67
C THR B 257 -10.80 -5.76 16.79
N ASN B 258 -11.05 -7.03 16.52
CA ASN B 258 -11.35 -8.00 17.58
C ASN B 258 -10.51 -9.26 17.44
N ALA B 259 -10.03 -9.76 18.57
CA ALA B 259 -9.45 -11.09 18.61
C ALA B 259 -10.52 -12.13 18.34
N VAL B 260 -10.22 -13.06 17.45
CA VAL B 260 -11.11 -14.17 17.12
C VAL B 260 -10.51 -15.43 17.72
N GLY B 261 -11.24 -16.07 18.63
CA GLY B 261 -10.70 -17.21 19.32
C GLY B 261 -11.63 -18.40 19.38
N GLY B 262 -11.79 -18.96 20.58
CA GLY B 262 -12.62 -20.13 20.73
C GLY B 262 -12.01 -21.34 20.03
N SER B 263 -12.82 -22.39 19.97
CA SER B 263 -12.49 -23.61 19.23
C SER B 263 -11.20 -24.26 19.72
N GLY B 264 -10.83 -24.03 20.98
CA GLY B 264 -9.67 -24.66 21.56
C GLY B 264 -8.34 -24.01 21.26
N THR B 265 -8.33 -22.78 20.76
CA THR B 265 -7.10 -22.10 20.39
C THR B 265 -6.70 -21.00 21.37
N ASN B 266 -7.47 -20.80 22.42
CA ASN B 266 -7.21 -19.70 23.35
C ASN B 266 -5.96 -19.98 24.17
N ASN B 267 -5.34 -18.89 24.63
CA ASN B 267 -4.26 -18.91 25.60
C ASN B 267 -2.96 -19.48 25.07
N TYR B 268 -2.77 -19.57 23.75
CA TYR B 268 -1.44 -19.83 23.21
C TYR B 268 -1.29 -18.91 21.99
N GLY B 269 -0.06 -18.76 21.51
CA GLY B 269 0.22 -18.29 20.17
C GLY B 269 1.59 -18.72 19.68
N VAL B 270 2.10 -18.04 18.66
CA VAL B 270 3.49 -18.26 18.20
C VAL B 270 3.97 -16.94 17.66
N LYS B 271 5.24 -16.59 17.87
CA LYS B 271 5.71 -15.32 17.28
C LYS B 271 5.65 -15.42 15.77
N GLY B 272 5.23 -14.37 15.11
CA GLY B 272 5.15 -14.34 13.67
C GLY B 272 5.35 -12.94 13.15
N PHE B 273 5.21 -12.78 11.83
CA PHE B 273 5.50 -11.52 11.17
C PHE B 273 4.51 -11.27 10.05
N GLY B 274 4.57 -10.05 9.51
CA GLY B 274 3.78 -9.64 8.37
C GLY B 274 4.33 -8.34 7.81
N PHE B 275 4.23 -8.14 6.51
CA PHE B 275 4.73 -6.93 5.86
C PHE B 275 3.59 -6.25 5.11
N ARG B 276 3.29 -5.01 5.49
CA ARG B 276 2.30 -4.24 4.75
C ARG B 276 2.82 -3.94 3.35
N GLN B 277 1.99 -4.21 2.35
CA GLN B 277 2.29 -3.93 0.95
C GLN B 277 1.15 -3.07 0.42
N GLY B 278 1.32 -1.75 0.53
CA GLY B 278 0.23 -0.84 0.23
C GLY B 278 -0.93 -1.09 1.17
N ASN B 279 -2.01 -1.67 0.67
CA ASN B 279 -3.11 -2.11 1.50
C ASN B 279 -3.15 -3.62 1.66
N SER B 280 -2.28 -4.34 0.97
CA SER B 280 -2.17 -5.79 1.08
C SER B 280 -1.14 -6.15 2.16
N VAL B 281 -0.90 -7.44 2.36
CA VAL B 281 0.05 -7.88 3.38
C VAL B 281 0.69 -9.20 2.94
N TRP B 282 2.01 -9.27 3.13
CA TRP B 282 2.73 -10.54 3.11
C TRP B 282 2.76 -11.06 4.54
N ALA B 283 1.99 -12.11 4.82
CA ALA B 283 1.90 -12.68 6.16
C ALA B 283 2.42 -14.11 6.16
N GLY B 284 3.18 -14.44 7.20
CA GLY B 284 3.69 -15.78 7.37
C GLY B 284 2.89 -16.57 8.39
N ARG B 285 2.96 -17.89 8.26
CA ARG B 285 2.30 -18.77 9.22
C ARG B 285 2.84 -20.18 9.04
N THR B 286 2.71 -20.98 10.09
CA THR B 286 2.98 -22.40 10.00
C THR B 286 1.95 -23.05 9.06
N VAL B 287 2.32 -24.21 8.50
CA VAL B 287 1.38 -24.92 7.63
C VAL B 287 0.32 -25.62 8.47
N SER B 288 0.72 -26.36 9.49
CA SER B 288 -0.23 -27.00 10.39
C SER B 288 -1.00 -25.95 11.18
N ILE B 289 -2.31 -26.19 11.34
CA ILE B 289 -3.14 -25.25 12.09
C ILE B 289 -3.04 -25.49 13.59
N SER B 290 -2.51 -26.63 14.02
CA SER B 290 -2.49 -26.97 15.44
C SER B 290 -1.09 -27.07 16.04
N SER B 291 -0.05 -27.17 15.23
CA SER B 291 1.31 -27.30 15.75
C SER B 291 2.28 -26.54 14.87
N ARG B 292 3.39 -26.15 15.50
CA ARG B 292 4.45 -25.43 14.79
C ARG B 292 5.10 -26.44 13.85
N SER B 293 4.61 -26.56 12.63
CA SER B 293 5.18 -27.45 11.62
C SER B 293 4.99 -26.84 10.24
N GLY B 294 6.07 -26.82 9.46
CA GLY B 294 6.04 -26.24 8.12
C GLY B 294 5.98 -24.73 8.15
N PHE B 295 6.15 -24.09 7.00
CA PHE B 295 6.05 -22.63 6.96
C PHE B 295 5.72 -22.15 5.56
N GLU B 296 4.88 -21.12 5.49
CA GLU B 296 4.45 -20.53 4.23
C GLU B 296 4.22 -19.05 4.45
N ILE B 297 4.34 -18.29 3.36
CA ILE B 297 4.15 -16.84 3.39
C ILE B 297 3.08 -16.49 2.36
N LEU B 298 2.06 -15.75 2.80
CA LEU B 298 0.88 -15.47 1.99
C LEU B 298 0.82 -13.99 1.64
N LEU B 299 0.53 -13.69 0.37
CA LEU B 299 0.20 -12.33 -0.06
C LEU B 299 -1.31 -12.22 -0.15
N ILE B 300 -1.92 -11.50 0.80
CA ILE B 300 -3.36 -11.40 0.93
C ILE B 300 -3.78 -10.03 0.42
N GLU B 301 -4.51 -10.01 -0.70
CA GLU B 301 -4.91 -8.77 -1.34
C GLU B 301 -5.78 -7.95 -0.39
N ASP B 302 -5.36 -6.71 -0.13
CA ASP B 302 -6.04 -5.77 0.75
C ASP B 302 -6.20 -6.31 2.17
N GLY B 303 -5.49 -7.40 2.52
CA GLY B 303 -5.63 -8.04 3.80
C GLY B 303 -5.15 -7.22 4.98
N TRP B 304 -4.53 -6.07 4.75
CA TRP B 304 -4.11 -5.19 5.83
C TRP B 304 -5.22 -4.24 6.30
N ILE B 305 -6.20 -3.96 5.45
CA ILE B 305 -7.24 -2.99 5.77
C ILE B 305 -8.65 -3.58 5.76
N ARG B 306 -8.84 -4.80 5.28
CA ARG B 306 -10.17 -5.32 5.01
C ARG B 306 -10.13 -6.83 5.12
N THR B 307 -11.29 -7.42 5.46
CA THR B 307 -11.35 -8.83 5.84
C THR B 307 -11.29 -9.74 4.63
N SER B 308 -10.29 -9.55 3.78
CA SER B 308 -10.21 -10.27 2.52
C SER B 308 -9.70 -11.69 2.74
N LYS B 309 -10.22 -12.62 1.93
CA LYS B 309 -9.75 -13.99 1.86
C LYS B 309 -9.04 -14.28 0.55
N THR B 310 -8.76 -13.25 -0.25
CA THR B 310 -8.13 -13.42 -1.56
C THR B 310 -6.63 -13.60 -1.38
N ILE B 311 -6.15 -14.83 -1.58
CA ILE B 311 -4.73 -15.14 -1.52
C ILE B 311 -4.19 -15.09 -2.94
N VAL B 312 -3.46 -14.03 -3.27
CA VAL B 312 -2.96 -13.87 -4.63
C VAL B 312 -1.63 -14.58 -4.86
N LYS B 313 -0.85 -14.81 -3.81
CA LYS B 313 0.45 -15.48 -3.94
C LYS B 313 0.75 -16.25 -2.67
N LYS B 314 1.38 -17.41 -2.82
CA LYS B 314 1.70 -18.31 -1.72
C LYS B 314 3.01 -19.01 -2.03
N VAL B 315 4.00 -18.87 -1.16
CA VAL B 315 5.28 -19.55 -1.29
C VAL B 315 5.54 -20.33 -0.02
N GLU B 316 5.84 -21.62 -0.17
CA GLU B 316 6.18 -22.49 0.94
C GLU B 316 7.70 -22.62 1.03
N VAL B 317 8.24 -22.45 2.23
CA VAL B 317 9.67 -22.61 2.49
C VAL B 317 9.95 -23.79 3.40
N LEU B 318 8.92 -24.47 3.90
CA LEU B 318 9.08 -25.64 4.75
C LEU B 318 7.78 -26.44 4.71
N ASN B 319 7.89 -27.74 4.42
CA ASN B 319 6.69 -28.55 4.30
C ASN B 319 6.20 -28.99 5.68
N ASN B 320 4.96 -29.49 5.72
CA ASN B 320 4.33 -29.93 6.97
C ASN B 320 4.89 -31.24 7.48
N LYS B 321 5.99 -31.71 6.92
CA LYS B 321 6.68 -32.90 7.38
C LYS B 321 7.86 -32.56 8.29
N ASN B 322 8.03 -31.28 8.63
CA ASN B 322 9.18 -30.82 9.39
C ASN B 322 8.76 -29.75 10.38
N TRP B 323 9.62 -29.50 11.36
CA TRP B 323 9.31 -28.65 12.51
C TRP B 323 9.74 -27.21 12.24
N SER B 324 8.81 -26.29 12.41
CA SER B 324 9.02 -24.85 12.38
C SER B 324 9.00 -24.30 13.81
N GLY B 325 8.78 -23.01 13.95
CA GLY B 325 8.73 -22.39 15.26
C GLY B 325 8.50 -20.92 15.12
N TYR B 326 9.28 -20.10 15.79
CA TYR B 326 9.08 -18.65 15.63
C TYR B 326 9.55 -18.18 14.27
N SER B 327 9.04 -17.01 13.92
CA SER B 327 9.38 -16.24 12.71
C SER B 327 9.35 -14.77 13.12
N GLY B 328 10.18 -13.95 12.47
CA GLY B 328 10.29 -12.54 12.78
C GLY B 328 10.77 -11.76 11.59
N ALA B 329 10.56 -10.44 11.66
CA ALA B 329 10.83 -9.53 10.55
C ALA B 329 12.03 -8.65 10.85
N PHE B 330 12.74 -8.27 9.78
CA PHE B 330 13.78 -7.25 9.85
C PHE B 330 13.93 -6.63 8.46
N THR B 331 14.74 -5.58 8.38
CA THR B 331 14.93 -4.87 7.13
C THR B 331 16.41 -4.67 6.86
N ILE B 332 16.73 -4.51 5.57
CA ILE B 332 18.08 -4.29 5.10
C ILE B 332 18.24 -2.80 4.78
N PRO B 333 19.24 -2.12 5.33
CA PRO B 333 19.34 -0.66 5.16
C PRO B 333 19.73 -0.25 3.75
N ILE B 334 19.48 1.03 3.48
CA ILE B 334 19.88 1.67 2.23
C ILE B 334 21.38 1.60 2.01
N THR B 335 22.15 1.78 3.08
CA THR B 335 23.60 1.85 2.93
C THR B 335 24.16 0.53 2.42
N MET B 336 23.30 -0.43 2.16
CA MET B 336 23.73 -1.75 1.79
C MET B 336 23.18 -2.26 0.50
N THR B 337 21.99 -1.85 0.14
CA THR B 337 21.42 -2.15 -1.14
C THR B 337 21.59 -0.99 -2.12
N SER B 338 21.80 0.22 -1.65
CA SER B 338 21.85 1.39 -2.51
C SER B 338 20.63 1.41 -3.42
N LYS B 339 19.49 0.98 -2.86
CA LYS B 339 18.15 1.14 -3.41
C LYS B 339 17.55 2.41 -2.82
N GLN B 340 16.27 2.63 -3.09
CA GLN B 340 15.52 3.73 -2.50
C GLN B 340 14.40 3.25 -1.59
N CYS B 341 14.32 1.95 -1.32
CA CYS B 341 13.32 1.39 -0.44
C CYS B 341 13.98 0.37 0.48
N LEU B 342 13.30 0.06 1.57
CA LEU B 342 13.82 -0.86 2.59
C LEU B 342 13.42 -2.29 2.25
N VAL B 343 14.41 -3.16 2.12
CA VAL B 343 14.16 -4.55 1.72
C VAL B 343 13.56 -5.32 2.89
N PRO B 344 12.42 -6.00 2.71
CA PRO B 344 11.86 -6.81 3.80
C PRO B 344 12.43 -8.21 3.83
N CYS B 345 12.84 -8.68 5.01
CA CYS B 345 13.37 -10.02 5.18
C CYS B 345 12.75 -10.63 6.43
N PHE B 346 12.86 -11.95 6.54
CA PHE B 346 12.34 -12.64 7.72
C PHE B 346 13.22 -13.84 8.03
N TRP B 347 13.14 -14.27 9.29
CA TRP B 347 13.88 -15.45 9.78
C TRP B 347 12.86 -16.48 10.20
N LEU B 348 13.24 -17.74 10.08
CA LEU B 348 12.38 -18.86 10.43
C LEU B 348 13.16 -19.69 11.41
N GLU B 349 12.54 -20.04 12.52
CA GLU B 349 13.17 -20.86 13.57
C GLU B 349 12.60 -22.25 13.40
N MET B 350 13.41 -23.25 13.61
CA MET B 350 13.02 -24.66 13.45
C MET B 350 13.41 -25.40 14.72
N ILE B 351 12.41 -25.63 15.58
CA ILE B 351 12.63 -26.19 16.91
C ILE B 351 12.70 -27.70 16.81
N ARG B 352 13.74 -28.28 17.43
CA ARG B 352 13.90 -29.72 17.50
C ARG B 352 13.95 -30.18 18.95
N GLY B 353 13.53 -31.42 19.18
CA GLY B 353 13.46 -31.95 20.52
C GLY B 353 12.12 -31.73 21.18
N LYS B 354 12.08 -31.53 22.49
CA LYS B 354 10.82 -31.36 23.19
C LYS B 354 10.19 -30.05 22.74
N PRO B 355 8.85 -29.96 22.78
CA PRO B 355 7.87 -30.94 23.28
C PRO B 355 7.53 -32.05 22.28
N GLU B 356 7.84 -31.84 21.00
CA GLU B 356 7.33 -32.76 19.98
C GLU B 356 8.13 -34.05 19.89
N GLU B 357 9.40 -34.05 20.27
CA GLU B 357 10.24 -35.25 20.21
C GLU B 357 10.72 -35.55 21.60
N ARG B 358 9.95 -36.29 22.37
CA ARG B 358 10.31 -36.18 23.77
C ARG B 358 11.27 -37.31 24.08
N THR B 359 11.68 -38.05 23.02
CA THR B 359 12.74 -39.06 23.11
C THR B 359 14.08 -38.39 23.39
N SER B 360 14.12 -37.07 23.26
CA SER B 360 15.28 -36.24 23.56
C SER B 360 15.04 -35.43 24.82
N ILE B 361 16.10 -35.23 25.60
CA ILE B 361 15.98 -34.49 26.87
C ILE B 361 16.09 -32.99 26.72
N TRP B 362 16.22 -32.47 25.50
CA TRP B 362 16.59 -31.09 25.27
C TRP B 362 15.68 -30.44 24.23
N THR B 363 15.81 -29.12 24.11
CA THR B 363 15.11 -28.33 23.11
C THR B 363 16.05 -27.26 22.57
N SER B 364 16.15 -27.16 21.25
CA SER B 364 16.97 -26.15 20.60
C SER B 364 16.37 -25.86 19.23
N SER B 365 17.09 -25.09 18.41
CA SER B 365 16.59 -24.72 17.10
C SER B 365 17.71 -24.21 16.21
N SER B 366 17.46 -24.25 14.90
CA SER B 366 18.30 -23.62 13.88
C SER B 366 17.42 -22.70 13.05
N SER B 367 18.00 -22.08 12.01
CA SER B 367 17.29 -21.02 11.30
C SER B 367 17.59 -21.03 9.80
N THR B 368 16.61 -20.52 9.04
CA THR B 368 16.77 -20.09 7.66
C THR B 368 16.30 -18.66 7.54
N VAL B 369 16.90 -17.91 6.61
CA VAL B 369 16.61 -16.49 6.43
C VAL B 369 16.31 -16.23 4.96
N PHE B 370 15.30 -15.40 4.71
CA PHE B 370 14.83 -15.09 3.37
C PHE B 370 14.66 -13.59 3.23
N CYS B 371 14.90 -13.07 2.03
CA CYS B 371 14.77 -11.65 1.74
C CYS B 371 13.92 -11.42 0.50
N GLY B 372 13.22 -10.29 0.48
CA GLY B 372 12.32 -9.99 -0.61
C GLY B 372 13.02 -9.43 -1.84
N VAL B 373 12.48 -9.78 -3.01
CA VAL B 373 12.98 -9.33 -4.30
C VAL B 373 11.79 -9.00 -5.20
N SER B 374 12.07 -8.32 -6.31
CA SER B 374 11.03 -7.78 -7.19
C SER B 374 10.41 -8.81 -8.11
N SER B 375 10.95 -10.01 -8.19
CA SER B 375 10.38 -11.07 -9.01
C SER B 375 9.90 -12.21 -8.12
N GLU B 376 9.11 -13.11 -8.70
CA GLU B 376 8.70 -14.29 -7.95
C GLU B 376 9.87 -15.26 -7.82
N VAL B 377 9.82 -16.05 -6.75
CA VAL B 377 10.86 -17.02 -6.44
C VAL B 377 10.19 -18.33 -6.07
N PRO B 378 10.58 -19.45 -6.68
CA PRO B 378 10.00 -20.73 -6.29
C PRO B 378 10.40 -21.11 -4.87
N GLY B 379 9.50 -21.83 -4.20
CA GLY B 379 9.77 -22.31 -2.87
C GLY B 379 10.33 -23.72 -2.86
N TRP B 380 10.70 -24.16 -1.67
CA TRP B 380 11.25 -25.50 -1.43
C TRP B 380 11.02 -25.81 0.05
N SER B 381 11.73 -26.81 0.56
CA SER B 381 11.64 -27.17 1.98
C SER B 381 13.07 -27.30 2.53
N TRP B 382 13.53 -26.25 3.22
CA TRP B 382 14.85 -26.22 3.84
C TRP B 382 14.68 -26.53 5.33
N ASP B 383 14.72 -27.82 5.67
CA ASP B 383 14.47 -28.25 7.04
C ASP B 383 15.76 -28.26 7.86
N ASP B 384 15.58 -28.31 9.18
CA ASP B 384 16.72 -28.32 10.10
C ASP B 384 17.69 -29.45 9.78
N GLY B 385 17.16 -30.67 9.61
CA GLY B 385 17.95 -31.78 9.10
C GLY B 385 18.76 -32.56 10.11
N ALA B 386 18.63 -32.26 11.41
CA ALA B 386 19.33 -33.07 12.41
C ALA B 386 18.68 -34.44 12.53
N ILE B 387 19.52 -35.43 12.83
CA ILE B 387 19.07 -36.81 13.03
C ILE B 387 18.93 -37.02 14.53
N LEU B 388 17.71 -37.07 15.00
CA LEU B 388 17.46 -37.29 16.41
C LEU B 388 17.06 -38.74 16.67
N PRO B 389 17.27 -39.27 17.88
CA PRO B 389 17.83 -38.59 19.05
C PRO B 389 19.36 -38.53 19.05
N PHE B 390 19.90 -37.56 19.80
CA PHE B 390 21.33 -37.34 19.86
C PHE B 390 21.97 -38.28 20.89
N ASP B 391 23.29 -38.15 21.05
CA ASP B 391 24.03 -39.04 21.95
C ASP B 391 23.57 -38.89 23.40
N ILE B 392 23.40 -37.64 23.86
CA ILE B 392 23.06 -37.40 25.25
C ILE B 392 21.68 -37.92 25.63
N ASP B 393 20.85 -38.26 24.65
CA ASP B 393 19.49 -38.73 24.90
C ASP B 393 19.43 -40.20 25.33
N LYS B 394 20.58 -40.84 25.58
CA LYS B 394 20.63 -42.27 25.84
C LYS B 394 22.00 -42.71 26.35
CA CA C . -7.66 8.87 -1.67
C1 NAG D . -20.39 33.24 -12.21
C2 NAG D . -20.01 34.58 -12.84
C3 NAG D . -19.06 35.35 -11.93
C4 NAG D . -19.63 35.46 -10.52
C5 NAG D . -19.98 34.07 -10.00
C6 NAG D . -20.65 34.10 -8.64
C7 NAG D . -20.06 34.62 -15.30
C8 NAG D . -19.28 34.37 -16.56
N2 NAG D . -19.42 34.38 -14.15
O3 NAG D . -18.84 36.65 -12.46
O4 NAG D . -18.66 36.05 -9.65
O5 NAG D . -20.91 33.45 -10.89
O6 NAG D . -20.55 35.39 -8.04
O7 NAG D . -21.22 35.02 -15.33
C1 NAG E . -7.95 -16.87 -19.32
C2 NAG E . -8.41 -18.11 -20.06
C3 NAG E . -8.53 -19.29 -19.10
C4 NAG E . -7.22 -19.50 -18.36
C5 NAG E . -6.80 -18.20 -17.67
C6 NAG E . -5.44 -18.30 -16.99
C7 NAG E . -9.77 -17.65 -22.06
C8 NAG E . -11.16 -17.44 -22.60
N2 NAG E . -9.68 -17.88 -20.74
O3 NAG E . -8.87 -20.47 -19.82
O4 NAG E . -7.37 -20.52 -17.38
O5 NAG E . -6.71 -17.14 -18.63
O6 NAG E . -4.38 -18.25 -17.94
O7 NAG E . -8.78 -17.63 -22.78
CAE HZF F . -0.35 3.52 -11.32
CAF HZF F . -3.36 5.33 -9.10
CAG HZF F . -3.16 5.95 -10.42
CAH HZF F . -1.06 3.72 -15.71
CAI HZF F . -1.89 2.95 -14.74
CAJ HZF F . -0.97 4.90 -11.08
CAK HZF F . -2.44 5.00 -11.42
CAL HZF F . -5.04 2.66 -11.11
CAM HZF F . -4.14 3.45 -12.04
CAN HZF F . -3.89 2.68 -13.27
CAO HZF F . -5.16 2.40 -13.96
CAP HZF F . -6.21 1.76 -13.04
CAQ HZF F . -6.46 2.62 -11.77
CAR HZF F . -7.50 2.35 -10.89
CAS HZF F . -6.02 -0.17 -18.18
CAT HZF F . -6.33 0.78 -19.11
CAU HZF F . -6.71 0.43 -20.36
CAV HZF F . -6.79 -0.88 -20.70
CAW HZF F . -6.50 -1.83 -19.78
CAX HZF F . -6.13 -1.49 -18.50
CAY HZF F . -5.76 1.51 -16.15
CAZ HZF F . -5.59 0.25 -16.77
NAA HZF F . -3.07 3.49 -14.23
NAB HZF F . -5.17 1.39 -14.98
NAC HZF F . -4.93 -0.49 -15.87
NAD HZF F . -4.71 0.22 -14.83
OBA HZF F . -1.57 1.90 -14.43
OBB HZF F . -2.97 3.71 -11.26
OBC HZF F . -8.29 1.41 -11.05
OBD HZF F . -7.61 3.13 -9.97
CA CA G . -3.20 -16.87 19.83
C1 NAG H . 18.05 -35.31 33.05
C2 NAG H . 19.12 -36.34 33.44
C3 NAG H . 18.49 -37.52 34.17
C4 NAG H . 17.63 -37.04 35.33
C5 NAG H . 16.59 -36.04 34.82
C6 NAG H . 15.72 -35.47 35.92
C7 NAG H . 21.18 -36.63 32.12
C8 NAG H . 21.76 -37.17 30.85
N2 NAG H . 19.86 -36.80 32.28
O3 NAG H . 19.51 -38.39 34.66
O4 NAG H . 16.98 -38.13 35.96
O5 NAG H . 17.27 -34.94 34.20
O6 NAG H . 16.37 -34.40 36.59
O7 NAG H . 21.86 -36.06 32.98
CAE HZF I . 6.19 -15.04 28.92
CAF HZF I . 4.02 -16.13 25.44
CAG HZF I . 5.17 -15.25 25.22
CAH HZF I . 10.55 -15.01 28.29
CAI HZF I . 9.76 -16.27 28.08
CAJ HZF I . 5.57 -14.62 27.59
CAK HZF I . 6.18 -15.27 26.37
CAL HZF I . 6.67 -18.47 25.11
CAM HZF I . 7.46 -17.34 25.77
CAN HZF I . 8.65 -17.84 26.44
CAO HZF I . 9.48 -18.65 25.59
CAP HZF I . 8.70 -19.89 25.17
CAQ HZF I . 7.58 -19.37 24.21
CAR HZF I . 6.82 -20.17 23.37
CAS HZF I . 14.23 -20.22 26.30
CAT HZF I . 15.07 -19.30 25.78
CAU HZF I . 16.40 -19.60 25.69
CAV HZF I . 16.90 -20.80 26.09
CAW HZF I . 16.04 -21.72 26.60
CAX HZF I . 14.71 -21.43 26.69
CAY HZF I . 11.92 -19.13 25.60
CAZ HZF I . 12.73 -19.97 26.40
NAA HZF I . 9.44 -16.62 26.77
NAB HZF I . 10.70 -19.25 26.12
NAC HZF I . 11.92 -20.53 27.26
NAD HZF I . 10.75 -20.09 27.06
OBA HZF I . 9.45 -16.95 28.97
OBB HZF I . 6.50 -16.64 26.62
OBC HZF I . 7.06 -21.37 23.16
OBD HZF I . 5.91 -19.60 22.78
#